data_7CIH
#
_entry.id   7CIH
#
_cell.length_a   70.664
_cell.length_b   129.692
_cell.length_c   219.567
_cell.angle_alpha   90.000
_cell.angle_beta   90.000
_cell.angle_gamma   90.000
#
_symmetry.space_group_name_H-M   'P 21 2 21'
#
loop_
_entity.id
_entity.type
_entity.pdbx_description
1 polymer Lipase
2 non-polymer '(4-nitrophenyl) hexanoate'
3 non-polymer 'DIMETHYL SULFOXIDE'
4 non-polymer GLYCEROL
5 non-polymer 1,2-ETHANEDIOL
6 non-polymer '1,4-DIETHYLENE DIOXIDE'
7 non-polymer P-NITROPHENOL
8 non-polymer 'SULFATE ION'
9 water water
#
_entity_poly.entity_id   1
_entity_poly.type   'polypeptide(L)'
_entity_poly.pdbx_seq_one_letter_code
;MTDTPFIRPDMKAFLEAIAAMAGPTLAEMTLEEARASYVALHGMADRPARELAVIRNLSCPGPAGDIPLRLYDARESREA
GPVITFYHGGGFVIGDLDTHHNLCTEIAALMDLPVVAVDYRLAPEHPFPAAIEDCEAATRWVASSPSELGRTASGVIPIG
DSAGGNATIVVSQLLGAKPADVPVVLQVPIFPLASDAVGSASLEAFAEGFVLTKASIEFFDTAYKADRADPRGFPILGDH
TAAPPTIVATASLDPIRDSGRDYAKALVEAGRDVVYLEMEGVTHGFTNIRAAVPSTQGDLERIIAAMKMMLGTA
;
_entity_poly.pdbx_strand_id   A,B,C,D
#
# COMPACT_ATOMS: atom_id res chain seq x y z
N THR A 4 23.13 -1.75 7.21
CA THR A 4 21.86 -2.47 7.34
C THR A 4 21.74 -3.58 6.29
N PRO A 5 20.82 -4.52 6.50
CA PRO A 5 20.60 -5.57 5.50
C PRO A 5 19.83 -5.05 4.29
N PHE A 6 20.12 -5.66 3.14
CA PHE A 6 19.46 -5.25 1.90
C PHE A 6 17.96 -5.57 1.96
N ILE A 7 17.15 -4.57 1.62
CA ILE A 7 15.69 -4.72 1.51
C ILE A 7 15.26 -4.11 0.20
N ARG A 8 14.49 -4.85 -0.59
CA ARG A 8 13.96 -4.30 -1.83
C ARG A 8 13.04 -3.11 -1.54
N PRO A 9 13.02 -2.10 -2.43
CA PRO A 9 12.14 -0.94 -2.17
C PRO A 9 10.67 -1.34 -2.00
N ASP A 10 10.13 -2.24 -2.83
CA ASP A 10 8.74 -2.59 -2.65
C ASP A 10 8.53 -3.38 -1.36
N MET A 11 9.51 -4.21 -0.98
CA MET A 11 9.42 -4.90 0.31
C MET A 11 9.41 -3.90 1.45
N LYS A 12 10.30 -2.89 1.36
CA LYS A 12 10.41 -1.88 2.41
C LYS A 12 9.10 -1.13 2.61
N ALA A 13 8.43 -0.77 1.51
CA ALA A 13 7.17 -0.06 1.60
C ALA A 13 6.14 -0.89 2.37
N PHE A 14 6.07 -2.19 2.09
CA PHE A 14 5.17 -3.08 2.84
C PHE A 14 5.52 -3.11 4.31
N LEU A 15 6.81 -3.22 4.65
CA LEU A 15 7.21 -3.26 6.04
C LEU A 15 6.81 -1.97 6.76
N GLU A 16 6.93 -0.83 6.08
CA GLU A 16 6.59 0.45 6.70
C GLU A 16 5.09 0.56 6.95
N ALA A 17 4.28 0.04 6.04
CA ALA A 17 2.83 -0.02 6.25
C ALA A 17 2.47 -0.95 7.41
N ILE A 18 3.11 -2.12 7.50
CA ILE A 18 2.87 -2.97 8.65
C ILE A 18 3.20 -2.24 9.93
N ALA A 19 4.33 -1.54 9.96
CA ALA A 19 4.69 -0.76 11.13
C ALA A 19 3.67 0.36 11.40
N ALA A 20 3.10 0.96 10.34
CA ALA A 20 2.07 1.99 10.54
C ALA A 20 0.81 1.39 11.15
N MET A 21 0.35 0.26 10.60
CA MET A 21 -0.78 -0.49 11.13
C MET A 21 -0.65 -0.71 12.62
N ALA A 22 0.54 -1.12 13.07
CA ALA A 22 0.79 -1.42 14.48
C ALA A 22 -0.23 -2.47 14.94
N GLY A 23 -0.88 -2.29 16.09
CA GLY A 23 -1.90 -3.21 16.55
C GLY A 23 -1.36 -4.30 17.46
N PRO A 24 -2.26 -5.15 17.97
CA PRO A 24 -1.84 -6.17 18.94
C PRO A 24 -1.00 -7.27 18.30
N THR A 25 -0.23 -7.94 19.14
CA THR A 25 0.45 -9.16 18.74
C THR A 25 -0.53 -10.32 18.63
N LEU A 26 -0.09 -11.43 18.01
CA LEU A 26 -0.94 -12.62 17.95
C LEU A 26 -1.35 -13.08 19.34
N ALA A 27 -0.43 -13.07 20.30
CA ALA A 27 -0.73 -13.56 21.63
C ALA A 27 -1.77 -12.69 22.33
N GLU A 28 -1.82 -11.40 21.99
CA GLU A 28 -2.76 -10.49 22.63
C GLU A 28 -4.16 -10.60 22.03
N MET A 29 -4.29 -11.15 20.84
CA MET A 29 -5.58 -11.37 20.22
C MET A 29 -6.22 -12.65 20.75
N THR A 30 -7.53 -12.77 20.55
CA THR A 30 -8.12 -14.08 20.69
C THR A 30 -7.62 -14.94 19.54
N LEU A 31 -7.77 -16.26 19.69
CA LEU A 31 -7.37 -17.15 18.61
C LEU A 31 -8.14 -16.86 17.33
N GLU A 32 -9.45 -16.61 17.45
CA GLU A 32 -10.23 -16.33 16.26
C GLU A 32 -9.74 -15.04 15.59
N GLU A 33 -9.42 -14.03 16.40
CA GLU A 33 -8.89 -12.79 15.86
C GLU A 33 -7.54 -12.99 15.19
N ALA A 34 -6.66 -13.79 15.80
CA ALA A 34 -5.36 -14.06 15.23
C ALA A 34 -5.50 -14.73 13.86
N ARG A 35 -6.37 -15.72 13.77
CA ARG A 35 -6.61 -16.39 12.50
C ARG A 35 -7.21 -15.44 11.49
N ALA A 36 -8.17 -14.62 11.92
CA ALA A 36 -8.80 -13.69 11.00
C ALA A 36 -7.79 -12.67 10.47
N SER A 37 -6.83 -12.25 11.30
CA SER A 37 -5.84 -11.28 10.86
C SER A 37 -4.97 -11.83 9.74
N TYR A 38 -4.70 -13.13 9.74
CA TYR A 38 -3.94 -13.77 8.68
C TYR A 38 -4.74 -13.82 7.40
N VAL A 39 -6.02 -14.19 7.50
CA VAL A 39 -6.90 -14.16 6.34
C VAL A 39 -6.86 -12.77 5.70
N ALA A 40 -6.99 -11.74 6.54
CA ALA A 40 -7.08 -10.38 6.02
C ALA A 40 -5.77 -9.91 5.38
N LEU A 41 -4.64 -10.26 5.98
CA LEU A 41 -3.35 -9.86 5.41
C LEU A 41 -3.16 -10.47 4.03
N HIS A 42 -3.36 -11.79 3.90
CA HIS A 42 -3.18 -12.41 2.61
C HIS A 42 -4.26 -11.96 1.63
N GLY A 43 -5.47 -11.68 2.14
CA GLY A 43 -6.52 -11.21 1.26
C GLY A 43 -6.15 -9.88 0.59
N MET A 44 -5.50 -9.01 1.33
CA MET A 44 -5.13 -7.72 0.76
C MET A 44 -3.76 -7.73 0.06
N ALA A 45 -2.87 -8.64 0.42
CA ALA A 45 -1.49 -8.60 -0.07
C ALA A 45 -1.24 -9.50 -1.27
N ASP A 46 -2.00 -10.56 -1.46
CA ASP A 46 -1.62 -11.48 -2.54
C ASP A 46 -2.32 -11.16 -3.85
N ARG A 47 -1.75 -11.65 -4.94
CA ARG A 47 -2.40 -11.55 -6.22
C ARG A 47 -3.68 -12.37 -6.22
N PRO A 48 -4.61 -12.04 -7.11
CA PRO A 48 -5.88 -12.76 -7.16
C PRO A 48 -5.71 -14.19 -7.66
N ALA A 49 -6.74 -14.99 -7.40
CA ALA A 49 -6.76 -16.37 -7.86
C ALA A 49 -6.70 -16.45 -9.38
N ARG A 50 -5.96 -17.44 -9.87
CA ARG A 50 -6.09 -17.81 -11.26
C ARG A 50 -7.40 -18.51 -11.53
N GLU A 51 -7.94 -18.31 -12.72
CA GLU A 51 -9.07 -19.12 -13.16
C GLU A 51 -8.55 -20.51 -13.54
N LEU A 52 -9.28 -21.53 -13.12
CA LEU A 52 -8.86 -22.91 -13.35
C LEU A 52 -10.06 -23.74 -13.75
N ALA A 53 -9.81 -24.82 -14.49
CA ALA A 53 -10.87 -25.74 -14.87
C ALA A 53 -11.50 -26.39 -13.64
N VAL A 54 -10.68 -26.77 -12.67
CA VAL A 54 -11.18 -27.52 -11.50
C VAL A 54 -10.74 -26.91 -10.17
N ILE A 55 -11.67 -26.56 -9.31
CA ILE A 55 -11.40 -26.15 -7.92
C ILE A 55 -12.49 -26.86 -7.14
N ARG A 56 -12.18 -27.98 -6.50
CA ARG A 56 -13.20 -28.85 -5.87
C ARG A 56 -12.81 -29.16 -4.42
N ASN A 57 -13.75 -29.08 -3.50
CA ASN A 57 -13.52 -29.48 -2.10
C ASN A 57 -13.72 -30.98 -2.03
N LEU A 58 -12.81 -31.72 -1.41
CA LEU A 58 -12.89 -33.17 -1.17
C LEU A 58 -12.55 -33.42 0.31
N SER A 59 -12.58 -34.66 0.72
CA SER A 59 -12.04 -35.05 2.04
C SER A 59 -11.54 -36.48 1.95
N CYS A 60 -10.68 -36.84 2.86
CA CYS A 60 -10.17 -38.20 2.96
C CYS A 60 -10.17 -38.62 4.41
N PRO A 61 -10.13 -39.93 4.66
CA PRO A 61 -10.06 -40.40 6.05
C PRO A 61 -8.73 -40.05 6.67
N GLY A 62 -8.76 -39.75 7.96
CA GLY A 62 -7.57 -39.54 8.73
C GLY A 62 -7.69 -40.15 10.11
N PRO A 63 -6.61 -40.06 10.90
CA PRO A 63 -6.59 -40.73 12.21
C PRO A 63 -7.53 -40.13 13.21
N ALA A 64 -7.95 -38.88 13.03
CA ALA A 64 -8.84 -38.24 13.98
C ALA A 64 -10.23 -38.02 13.40
N GLY A 65 -10.45 -38.42 12.16
CA GLY A 65 -11.65 -38.10 11.44
C GLY A 65 -11.28 -37.62 10.05
N ASP A 66 -12.28 -37.17 9.31
CA ASP A 66 -12.07 -36.81 7.92
C ASP A 66 -11.24 -35.54 7.83
N ILE A 67 -10.36 -35.49 6.84
CA ILE A 67 -9.48 -34.34 6.59
C ILE A 67 -10.01 -33.60 5.37
N PRO A 68 -10.38 -32.32 5.49
CA PRO A 68 -10.79 -31.57 4.30
C PRO A 68 -9.61 -31.27 3.41
N LEU A 69 -9.87 -31.32 2.11
CA LEU A 69 -8.88 -31.10 1.07
C LEU A 69 -9.48 -30.18 0.02
N ARG A 70 -8.61 -29.57 -0.79
CA ARG A 70 -9.06 -28.86 -1.99
C ARG A 70 -8.16 -29.18 -3.16
N LEU A 71 -8.79 -29.59 -4.26
CA LEU A 71 -8.10 -29.93 -5.49
C LEU A 71 -8.13 -28.75 -6.45
N TYR A 72 -6.98 -28.45 -7.02
CA TYR A 72 -6.82 -27.40 -8.01
C TYR A 72 -6.24 -28.06 -9.25
N ASP A 73 -6.86 -27.83 -10.40
CA ASP A 73 -6.28 -28.34 -11.64
C ASP A 73 -6.66 -27.42 -12.80
N ALA A 74 -5.66 -27.03 -13.58
CA ALA A 74 -5.91 -26.29 -14.81
C ALA A 74 -6.62 -27.11 -15.88
N ARG A 75 -6.68 -28.43 -15.73
CA ARG A 75 -7.26 -29.32 -16.73
C ARG A 75 -8.43 -30.10 -16.14
N GLU A 76 -9.52 -30.21 -16.91
CA GLU A 76 -10.65 -31.00 -16.47
C GLU A 76 -10.32 -32.49 -16.50
N SER A 77 -9.44 -32.90 -17.40
CA SER A 77 -9.03 -34.29 -17.48
C SER A 77 -7.56 -34.33 -17.79
N ARG A 78 -6.84 -35.26 -17.17
CA ARG A 78 -5.42 -35.36 -17.46
C ARG A 78 -4.96 -36.78 -17.22
N GLU A 79 -3.84 -37.11 -17.85
CA GLU A 79 -3.22 -38.41 -17.74
C GLU A 79 -2.48 -38.54 -16.39
N ALA A 80 -2.09 -39.76 -16.08
CA ALA A 80 -1.30 -40.00 -14.88
C ALA A 80 -0.03 -39.16 -14.90
N GLY A 81 0.38 -38.72 -13.71
CA GLY A 81 1.55 -37.89 -13.55
C GLY A 81 1.71 -37.53 -12.08
N PRO A 82 2.71 -36.74 -11.74
CA PRO A 82 2.87 -36.37 -10.33
C PRO A 82 1.75 -35.44 -9.87
N VAL A 83 1.44 -35.52 -8.58
CA VAL A 83 0.42 -34.67 -7.97
C VAL A 83 1.10 -33.90 -6.85
N ILE A 84 0.89 -32.58 -6.84
CA ILE A 84 1.43 -31.75 -5.78
C ILE A 84 0.51 -31.82 -4.56
N THR A 85 1.11 -31.96 -3.38
CA THR A 85 0.38 -32.05 -2.11
C THR A 85 0.89 -30.91 -1.26
N PHE A 86 0.02 -29.93 -1.01
CA PHE A 86 0.39 -28.63 -0.44
C PHE A 86 -0.09 -28.49 0.99
N TYR A 87 0.79 -27.97 1.85
CA TYR A 87 0.49 -27.75 3.26
C TYR A 87 0.76 -26.29 3.57
N HIS A 88 -0.27 -25.58 4.01
CA HIS A 88 -0.15 -24.14 4.18
C HIS A 88 0.68 -23.77 5.41
N GLY A 89 1.15 -22.52 5.44
CA GLY A 89 1.87 -22.02 6.59
C GLY A 89 0.92 -21.41 7.62
N GLY A 90 1.50 -20.89 8.69
CA GLY A 90 0.71 -20.38 9.80
C GLY A 90 1.09 -20.95 11.16
N GLY A 91 2.31 -21.44 11.30
CA GLY A 91 2.80 -21.87 12.60
C GLY A 91 2.16 -23.11 13.19
N PHE A 92 1.33 -23.79 12.41
CA PHE A 92 0.44 -24.89 12.84
C PHE A 92 -0.70 -24.39 13.72
N VAL A 93 -0.93 -23.07 13.72
CA VAL A 93 -1.96 -22.45 14.56
C VAL A 93 -2.98 -21.68 13.73
N ILE A 94 -2.52 -20.96 12.70
CA ILE A 94 -3.39 -20.19 11.84
C ILE A 94 -3.25 -20.65 10.40
N GLY A 95 -4.03 -20.03 9.52
CA GLY A 95 -4.09 -20.43 8.13
C GLY A 95 -5.17 -21.46 7.88
N ASP A 96 -5.54 -21.59 6.61
CA ASP A 96 -6.53 -22.59 6.24
C ASP A 96 -6.51 -22.75 4.73
N LEU A 97 -7.53 -23.35 4.14
CA LEU A 97 -7.53 -23.52 2.69
C LEU A 97 -7.67 -22.20 1.95
N ASP A 98 -8.23 -21.18 2.60
CA ASP A 98 -8.44 -19.90 1.94
C ASP A 98 -7.26 -18.96 2.06
N THR A 99 -6.47 -19.04 3.13
CA THR A 99 -5.35 -18.11 3.26
C THR A 99 -4.32 -18.34 2.17
N HIS A 100 -4.25 -19.56 1.62
CA HIS A 100 -3.24 -19.94 0.64
C HIS A 100 -3.88 -20.33 -0.67
N HIS A 101 -5.16 -20.04 -0.83
CA HIS A 101 -5.91 -20.44 -2.02
C HIS A 101 -5.33 -19.83 -3.29
N ASN A 102 -5.09 -18.52 -3.30
CA ASN A 102 -4.60 -17.91 -4.53
C ASN A 102 -3.24 -18.46 -4.92
N LEU A 103 -2.35 -18.64 -3.94
CA LEU A 103 -1.06 -19.27 -4.21
C LEU A 103 -1.25 -20.65 -4.84
N CYS A 104 -2.17 -21.46 -4.28
CA CYS A 104 -2.39 -22.78 -4.87
C CYS A 104 -2.88 -22.68 -6.30
N THR A 105 -3.80 -21.75 -6.60
CA THR A 105 -4.20 -21.61 -8.01
C THR A 105 -3.01 -21.22 -8.88
N GLU A 106 -2.07 -20.43 -8.35
CA GLU A 106 -0.92 -20.02 -9.13
C GLU A 106 0.02 -21.19 -9.37
N ILE A 107 0.27 -22.00 -8.33
CA ILE A 107 1.11 -23.18 -8.50
C ILE A 107 0.49 -24.11 -9.53
N ALA A 108 -0.83 -24.31 -9.46
CA ALA A 108 -1.49 -25.21 -10.40
C ALA A 108 -1.40 -24.67 -11.83
N ALA A 109 -1.65 -23.37 -11.99
CA ALA A 109 -1.60 -22.77 -13.33
C ALA A 109 -0.20 -22.82 -13.91
N LEU A 110 0.82 -22.44 -13.12
CA LEU A 110 2.18 -22.35 -13.63
C LEU A 110 2.84 -23.72 -13.80
N MET A 111 2.49 -24.70 -12.96
CA MET A 111 3.10 -26.03 -13.09
C MET A 111 2.37 -26.91 -14.08
N ASP A 112 1.12 -26.63 -14.38
CA ASP A 112 0.29 -27.54 -15.15
C ASP A 112 0.33 -28.93 -14.54
N LEU A 113 0.13 -28.98 -13.23
CA LEU A 113 -0.04 -30.21 -12.49
C LEU A 113 -1.14 -29.99 -11.46
N PRO A 114 -1.84 -31.05 -11.06
CA PRO A 114 -2.88 -30.89 -10.04
C PRO A 114 -2.25 -30.63 -8.69
N VAL A 115 -2.96 -29.87 -7.88
CA VAL A 115 -2.53 -29.48 -6.54
C VAL A 115 -3.64 -29.88 -5.58
N VAL A 116 -3.29 -30.59 -4.50
CA VAL A 116 -4.25 -30.92 -3.45
C VAL A 116 -3.75 -30.23 -2.18
N ALA A 117 -4.50 -29.23 -1.71
CA ALA A 117 -4.17 -28.58 -0.44
C ALA A 117 -4.86 -29.30 0.72
N VAL A 118 -4.18 -29.36 1.86
CA VAL A 118 -4.63 -30.10 3.03
C VAL A 118 -5.09 -29.14 4.12
N ASP A 119 -6.31 -29.32 4.60
CA ASP A 119 -6.82 -28.50 5.73
C ASP A 119 -6.55 -29.27 7.03
N TYR A 120 -5.29 -29.28 7.44
CA TYR A 120 -4.88 -30.09 8.58
C TYR A 120 -5.30 -29.47 9.90
N ARG A 121 -5.44 -30.33 10.91
CA ARG A 121 -5.80 -29.88 12.25
C ARG A 121 -4.75 -28.95 12.85
N LEU A 122 -5.25 -27.91 13.54
CA LEU A 122 -4.46 -26.83 14.08
C LEU A 122 -4.36 -26.87 15.59
N ALA A 123 -3.23 -26.37 16.07
CA ALA A 123 -3.04 -26.08 17.47
C ALA A 123 -3.59 -24.68 17.78
N PRO A 124 -3.85 -24.39 19.06
CA PRO A 124 -3.60 -25.21 20.24
C PRO A 124 -4.64 -26.29 20.46
N GLU A 125 -5.76 -26.24 19.72
CA GLU A 125 -6.81 -27.23 19.91
C GLU A 125 -6.28 -28.63 19.70
N HIS A 126 -5.45 -28.82 18.66
CA HIS A 126 -4.84 -30.11 18.32
C HIS A 126 -3.33 -29.91 18.29
N PRO A 127 -2.65 -30.20 19.38
CA PRO A 127 -1.22 -29.97 19.44
C PRO A 127 -0.47 -30.97 18.55
N PHE A 128 0.81 -30.70 18.44
CA PHE A 128 1.77 -31.62 17.82
C PHE A 128 1.50 -33.05 18.28
N PRO A 129 1.50 -34.03 17.38
CA PRO A 129 1.77 -33.99 15.93
C PRO A 129 0.54 -33.97 15.03
N ALA A 130 -0.57 -33.40 15.50
CA ALA A 130 -1.82 -33.51 14.75
C ALA A 130 -1.66 -33.02 13.31
N ALA A 131 -1.04 -31.84 13.13
CA ALA A 131 -0.87 -31.34 11.76
C ALA A 131 -0.13 -32.35 10.88
N ILE A 132 0.93 -32.95 11.41
CA ILE A 132 1.73 -33.92 10.66
C ILE A 132 0.91 -35.16 10.34
N GLU A 133 0.14 -35.66 11.31
CA GLU A 133 -0.73 -36.81 11.08
C GLU A 133 -1.62 -36.59 9.87
N ASP A 134 -2.23 -35.39 9.80
CA ASP A 134 -3.16 -35.12 8.71
C ASP A 134 -2.43 -34.90 7.39
N CYS A 135 -1.30 -34.17 7.40
CA CYS A 135 -0.56 -33.99 6.16
C CYS A 135 -0.08 -35.34 5.63
N GLU A 136 0.42 -36.21 6.52
CA GLU A 136 0.88 -37.51 6.05
C GLU A 136 -0.27 -38.34 5.47
N ALA A 137 -1.37 -38.44 6.23
CA ALA A 137 -2.52 -39.22 5.80
C ALA A 137 -3.05 -38.74 4.45
N ALA A 138 -3.19 -37.42 4.29
CA ALA A 138 -3.73 -36.90 3.03
C ALA A 138 -2.77 -37.16 1.89
N THR A 139 -1.45 -37.09 2.15
CA THR A 139 -0.48 -37.33 1.09
C THR A 139 -0.50 -38.80 0.67
N ARG A 140 -0.54 -39.70 1.65
CA ARG A 140 -0.69 -41.12 1.33
C ARG A 140 -1.96 -41.38 0.54
N TRP A 141 -3.05 -40.74 0.93
CA TRP A 141 -4.33 -40.90 0.23
C TRP A 141 -4.22 -40.47 -1.21
N VAL A 142 -3.68 -39.27 -1.45
CA VAL A 142 -3.48 -38.82 -2.84
C VAL A 142 -2.60 -39.80 -3.59
N ALA A 143 -1.54 -40.29 -2.93
CA ALA A 143 -0.61 -41.20 -3.57
C ALA A 143 -1.27 -42.50 -3.97
N SER A 144 -2.46 -42.80 -3.42
CA SER A 144 -3.15 -44.06 -3.75
C SER A 144 -4.07 -43.93 -4.97
N SER A 145 -4.13 -42.77 -5.61
CA SER A 145 -4.99 -42.54 -6.77
C SER A 145 -6.41 -42.93 -6.48
N PRO A 146 -7.06 -42.39 -5.46
CA PRO A 146 -8.46 -42.70 -5.20
C PRO A 146 -9.36 -42.15 -6.28
N SER A 147 -10.49 -42.84 -6.49
CA SER A 147 -11.41 -42.44 -7.56
C SER A 147 -11.95 -41.03 -7.33
N GLU A 148 -12.19 -40.65 -6.07
CA GLU A 148 -12.71 -39.32 -5.77
C GLU A 148 -11.78 -38.21 -6.25
N LEU A 149 -10.49 -38.51 -6.40
CA LEU A 149 -9.55 -37.50 -6.87
C LEU A 149 -9.74 -37.22 -8.36
N GLY A 150 -10.02 -38.26 -9.15
CA GLY A 150 -10.18 -38.08 -10.56
C GLY A 150 -8.89 -37.93 -11.33
N ARG A 151 -7.75 -38.05 -10.65
CA ARG A 151 -6.44 -38.04 -11.29
C ARG A 151 -5.66 -39.22 -10.77
N THR A 152 -4.81 -39.78 -11.63
CA THR A 152 -3.89 -40.82 -11.22
C THR A 152 -2.55 -40.20 -10.90
N ALA A 153 -2.03 -40.51 -9.73
CA ALA A 153 -0.72 -40.06 -9.30
C ALA A 153 0.32 -41.10 -9.65
N SER A 154 1.36 -40.69 -10.38
CA SER A 154 2.55 -41.50 -10.57
C SER A 154 3.61 -41.21 -9.52
N GLY A 155 3.44 -40.15 -8.76
CA GLY A 155 4.36 -39.74 -7.71
C GLY A 155 3.69 -38.57 -7.03
N VAL A 156 4.24 -38.17 -5.89
CA VAL A 156 3.71 -36.99 -5.20
C VAL A 156 4.81 -35.98 -5.00
N ILE A 157 4.39 -34.72 -4.86
CA ILE A 157 5.32 -33.61 -4.71
C ILE A 157 4.88 -32.81 -3.49
N PRO A 158 5.39 -33.11 -2.31
CA PRO A 158 5.06 -32.31 -1.12
C PRO A 158 5.65 -30.91 -1.24
N ILE A 159 4.84 -29.91 -0.88
CA ILE A 159 5.26 -28.52 -0.95
C ILE A 159 4.51 -27.78 0.16
N GLY A 160 5.19 -26.80 0.75
CA GLY A 160 4.47 -25.97 1.72
C GLY A 160 5.37 -24.87 2.21
N ASP A 161 4.72 -23.85 2.78
CA ASP A 161 5.43 -22.68 3.25
C ASP A 161 5.45 -22.65 4.77
N SER A 162 6.62 -22.37 5.34
CA SER A 162 6.78 -22.13 6.80
C SER A 162 6.44 -23.38 7.57
N ALA A 163 5.43 -23.39 8.46
CA ALA A 163 5.02 -24.66 9.06
C ALA A 163 4.75 -25.72 7.99
N GLY A 164 4.17 -25.30 6.87
CA GLY A 164 3.94 -26.21 5.75
C GLY A 164 5.22 -26.75 5.13
N GLY A 165 6.29 -25.96 5.21
CA GLY A 165 7.60 -26.45 4.77
C GLY A 165 8.22 -27.41 5.77
N ASN A 166 7.99 -27.19 7.07
CA ASN A 166 8.26 -28.22 8.07
C ASN A 166 7.51 -29.51 7.74
N ALA A 167 6.21 -29.40 7.44
CA ALA A 167 5.40 -30.58 7.17
C ALA A 167 5.89 -31.27 5.92
N THR A 168 6.29 -30.48 4.91
CA THR A 168 6.84 -31.03 3.68
C THR A 168 7.99 -32.01 3.98
N ILE A 169 8.94 -31.57 4.78
CA ILE A 169 10.10 -32.40 5.07
C ILE A 169 9.71 -33.62 5.89
N VAL A 170 8.87 -33.42 6.91
CA VAL A 170 8.47 -34.54 7.75
C VAL A 170 7.73 -35.58 6.95
N VAL A 171 6.79 -35.15 6.11
CA VAL A 171 6.04 -36.06 5.27
C VAL A 171 6.97 -36.85 4.37
N SER A 172 7.94 -36.16 3.75
CA SER A 172 8.88 -36.87 2.89
C SER A 172 9.70 -37.89 3.69
N GLN A 173 10.08 -37.56 4.92
CA GLN A 173 10.80 -38.54 5.72
C GLN A 173 9.92 -39.72 6.11
N LEU A 174 8.65 -39.45 6.47
CA LEU A 174 7.74 -40.52 6.87
C LEU A 174 7.46 -41.46 5.70
N LEU A 175 7.24 -40.90 4.51
CA LEU A 175 7.03 -41.73 3.33
C LEU A 175 8.31 -42.41 2.86
N GLY A 176 9.46 -41.80 3.14
CA GLY A 176 10.72 -42.47 2.83
C GLY A 176 10.91 -43.73 3.66
N ALA A 177 10.51 -43.65 4.94
CA ALA A 177 10.64 -44.79 5.85
C ALA A 177 9.59 -45.84 5.57
N LYS A 178 8.38 -45.44 5.18
CA LYS A 178 7.28 -46.37 4.94
C LYS A 178 6.56 -45.88 3.71
N PRO A 179 6.93 -46.39 2.53
CA PRO A 179 6.47 -45.77 1.29
C PRO A 179 4.96 -45.81 1.14
N ALA A 180 4.47 -44.80 0.45
CA ALA A 180 3.11 -44.74 -0.05
C ALA A 180 3.05 -45.54 -1.34
N ASP A 181 1.91 -45.49 -2.03
CA ASP A 181 1.76 -46.29 -3.25
C ASP A 181 2.63 -45.82 -4.39
N VAL A 182 3.04 -44.54 -4.39
CA VAL A 182 4.00 -44.00 -5.33
C VAL A 182 5.01 -43.18 -4.52
N PRO A 183 6.19 -42.95 -5.07
CA PRO A 183 7.23 -42.22 -4.34
C PRO A 183 7.01 -40.71 -4.32
N VAL A 184 7.68 -40.09 -3.35
CA VAL A 184 7.93 -38.64 -3.38
C VAL A 184 8.99 -38.39 -4.44
N VAL A 185 8.62 -37.69 -5.52
CA VAL A 185 9.56 -37.48 -6.63
C VAL A 185 10.28 -36.16 -6.50
N LEU A 186 9.81 -35.26 -5.63
CA LEU A 186 10.36 -33.94 -5.44
C LEU A 186 9.68 -33.37 -4.19
N GLN A 187 10.45 -32.70 -3.34
CA GLN A 187 9.86 -31.96 -2.22
C GLN A 187 10.30 -30.50 -2.32
N VAL A 188 9.41 -29.58 -1.91
CA VAL A 188 9.69 -28.14 -2.05
C VAL A 188 9.37 -27.45 -0.73
N PRO A 189 10.25 -27.55 0.28
CA PRO A 189 10.00 -26.80 1.52
C PRO A 189 10.37 -25.34 1.32
N ILE A 190 9.41 -24.46 1.58
CA ILE A 190 9.57 -23.02 1.35
C ILE A 190 9.61 -22.34 2.71
N PHE A 191 10.64 -21.54 2.92
CA PHE A 191 11.06 -20.97 4.23
C PHE A 191 10.61 -21.92 5.33
N PRO A 192 11.13 -23.15 5.38
CA PRO A 192 10.70 -24.08 6.36
C PRO A 192 11.39 -23.96 7.71
N LEU A 193 10.72 -24.50 8.72
CA LEU A 193 11.34 -24.72 10.02
C LEU A 193 11.83 -26.16 10.03
N ALA A 194 13.15 -26.32 9.95
CA ALA A 194 13.76 -27.64 9.94
C ALA A 194 14.53 -27.93 11.21
N SER A 195 15.44 -27.03 11.58
CA SER A 195 16.08 -27.04 12.87
C SER A 195 15.46 -25.95 13.75
N ASP A 196 15.60 -26.13 15.06
CA ASP A 196 15.14 -25.15 16.03
C ASP A 196 15.79 -23.80 15.75
N ALA A 197 14.97 -22.77 15.61
CA ALA A 197 15.49 -21.43 15.32
C ALA A 197 16.08 -20.76 16.56
N VAL A 198 15.70 -21.21 17.75
CA VAL A 198 16.24 -20.61 18.96
C VAL A 198 17.76 -20.68 18.94
N GLY A 199 18.39 -19.54 19.17
CA GLY A 199 19.83 -19.44 19.17
C GLY A 199 20.44 -19.14 17.82
N SER A 200 19.66 -19.12 16.75
CA SER A 200 20.20 -18.85 15.42
C SER A 200 20.48 -17.37 15.27
N ALA A 201 21.44 -17.04 14.41
CA ALA A 201 21.77 -15.64 14.18
C ALA A 201 20.62 -14.92 13.49
N SER A 202 19.93 -15.59 12.55
CA SER A 202 18.84 -14.96 11.84
C SER A 202 17.67 -14.63 12.76
N LEU A 203 17.41 -15.47 13.77
CA LEU A 203 16.31 -15.17 14.69
C LEU A 203 16.58 -13.88 15.46
N GLU A 204 17.82 -13.68 15.90
CA GLU A 204 18.15 -12.43 16.58
C GLU A 204 18.17 -11.24 15.64
N ALA A 205 18.71 -11.41 14.42
CA ALA A 205 18.82 -10.29 13.50
C ALA A 205 17.46 -9.81 13.03
N PHE A 206 16.48 -10.71 12.89
CA PHE A 206 15.21 -10.36 12.26
C PHE A 206 14.05 -10.58 13.22
N ALA A 207 14.31 -10.42 14.51
CA ALA A 207 13.32 -10.72 15.53
C ALA A 207 12.11 -9.78 15.47
N GLU A 208 12.30 -8.57 14.96
CA GLU A 208 11.22 -7.58 14.87
C GLU A 208 11.27 -6.82 13.54
N GLY A 209 10.13 -6.49 12.97
CA GLY A 209 10.07 -5.61 11.81
C GLY A 209 10.17 -6.32 10.50
N PHE A 210 10.11 -7.64 10.45
CA PHE A 210 10.25 -8.40 9.20
C PHE A 210 9.08 -9.36 8.98
N VAL A 211 7.87 -8.91 9.28
CA VAL A 211 6.57 -9.61 9.13
C VAL A 211 6.49 -10.77 10.13
N LEU A 212 7.27 -11.84 9.99
CA LEU A 212 7.33 -12.91 10.98
C LEU A 212 8.20 -12.40 12.12
N THR A 213 7.72 -12.38 13.34
CA THR A 213 8.46 -11.86 14.49
C THR A 213 8.81 -12.98 15.43
N LYS A 214 9.83 -12.76 16.22
CA LYS A 214 10.18 -13.71 17.26
C LYS A 214 8.98 -13.96 18.18
N ALA A 215 8.21 -12.89 18.47
CA ALA A 215 7.04 -13.06 19.32
C ALA A 215 6.03 -14.04 18.72
N SER A 216 5.80 -13.94 17.39
CA SER A 216 4.87 -14.87 16.77
C SER A 216 5.43 -16.29 16.78
N ILE A 217 6.73 -16.45 16.54
CA ILE A 217 7.35 -17.78 16.59
C ILE A 217 7.12 -18.41 17.96
N GLU A 218 7.29 -17.63 19.03
CA GLU A 218 7.09 -18.14 20.38
C GLU A 218 5.62 -18.46 20.66
N PHE A 219 4.70 -17.61 20.17
CA PHE A 219 3.27 -17.90 20.27
C PHE A 219 2.91 -19.22 19.62
N PHE A 220 3.38 -19.44 18.39
CA PHE A 220 3.09 -20.71 17.71
C PHE A 220 3.70 -21.88 18.46
N ASP A 221 4.92 -21.72 18.94
CA ASP A 221 5.59 -22.81 19.65
C ASP A 221 4.82 -23.20 20.90
N THR A 222 4.37 -22.22 21.69
CA THR A 222 3.60 -22.53 22.89
C THR A 222 2.32 -23.30 22.57
N ALA A 223 1.71 -22.99 21.43
CA ALA A 223 0.46 -23.62 21.06
C ALA A 223 0.69 -25.03 20.57
N TYR A 224 1.71 -25.22 19.73
CA TYR A 224 1.86 -26.49 19.03
C TYR A 224 2.54 -27.53 19.90
N LYS A 225 3.55 -27.11 20.66
CA LYS A 225 4.20 -27.99 21.64
C LYS A 225 4.95 -29.14 20.98
N ALA A 226 5.70 -28.85 19.92
CA ALA A 226 6.56 -29.87 19.34
C ALA A 226 7.74 -30.20 20.27
N ASP A 227 8.05 -31.46 20.38
CA ASP A 227 9.16 -31.96 21.17
C ASP A 227 10.48 -31.73 20.43
N ARG A 228 11.42 -31.08 21.11
CA ARG A 228 12.67 -30.70 20.47
C ARG A 228 13.53 -31.91 20.08
N ALA A 229 13.23 -33.09 20.60
CA ALA A 229 14.00 -34.28 20.28
C ALA A 229 13.30 -35.16 19.26
N ASP A 230 12.10 -34.76 18.83
CA ASP A 230 11.29 -35.55 17.92
C ASP A 230 11.55 -35.09 16.49
N PRO A 231 12.03 -35.95 15.60
CA PRO A 231 12.25 -35.54 14.20
C PRO A 231 10.98 -35.15 13.46
N ARG A 232 9.79 -35.49 13.97
CA ARG A 232 8.56 -35.01 13.38
C ARG A 232 8.27 -33.54 13.73
N GLY A 233 8.91 -33.04 14.78
CA GLY A 233 8.86 -31.64 15.12
C GLY A 233 9.99 -30.85 14.48
N PHE A 234 11.19 -31.45 14.43
CA PHE A 234 12.40 -30.75 13.98
C PHE A 234 13.11 -31.71 13.04
N PRO A 235 12.70 -31.74 11.77
CA PRO A 235 13.18 -32.80 10.87
C PRO A 235 14.64 -32.67 10.47
N ILE A 236 15.35 -31.62 10.90
CA ILE A 236 16.80 -31.67 10.77
C ILE A 236 17.35 -32.92 11.45
N LEU A 237 16.63 -33.45 12.45
CA LEU A 237 17.06 -34.61 13.22
C LEU A 237 16.83 -35.93 12.49
N GLY A 238 16.10 -35.92 11.38
CA GLY A 238 15.77 -37.13 10.68
C GLY A 238 16.94 -37.63 9.83
N ASP A 239 16.69 -38.76 9.20
CA ASP A 239 17.67 -39.44 8.34
C ASP A 239 17.58 -38.84 6.95
N HIS A 240 18.66 -38.20 6.51
CA HIS A 240 18.69 -37.52 5.22
C HIS A 240 19.26 -38.36 4.10
N THR A 241 19.71 -39.59 4.39
CA THR A 241 20.49 -40.35 3.42
C THR A 241 19.69 -40.76 2.20
N ALA A 242 18.37 -40.84 2.29
CA ALA A 242 17.58 -41.15 1.11
C ALA A 242 16.59 -40.02 0.79
N ALA A 243 16.89 -38.79 1.20
CA ALA A 243 15.98 -37.69 0.93
C ALA A 243 15.69 -37.59 -0.56
N PRO A 244 14.46 -37.30 -0.95
CA PRO A 244 14.15 -37.14 -2.37
C PRO A 244 14.78 -35.88 -2.91
N PRO A 245 14.75 -35.69 -4.24
CA PRO A 245 15.19 -34.42 -4.81
C PRO A 245 14.45 -33.27 -4.16
N THR A 246 15.19 -32.21 -3.86
CA THR A 246 14.66 -31.15 -2.99
C THR A 246 14.95 -29.79 -3.56
N ILE A 247 14.00 -28.87 -3.38
CA ILE A 247 14.24 -27.44 -3.58
C ILE A 247 13.92 -26.78 -2.25
N VAL A 248 14.92 -26.13 -1.66
CA VAL A 248 14.76 -25.35 -0.42
C VAL A 248 14.78 -23.88 -0.82
N ALA A 249 13.72 -23.15 -0.51
CA ALA A 249 13.64 -21.72 -0.81
C ALA A 249 13.54 -20.99 0.53
N THR A 250 14.38 -19.98 0.70
CA THR A 250 14.39 -19.19 1.92
C THR A 250 14.29 -17.72 1.55
N ALA A 251 14.19 -16.88 2.58
CA ALA A 251 14.21 -15.43 2.41
C ALA A 251 15.33 -14.83 3.23
N SER A 252 16.03 -13.86 2.65
CA SER A 252 17.25 -13.37 3.30
C SER A 252 16.93 -12.62 4.59
N LEU A 253 15.71 -12.09 4.70
CA LEU A 253 15.32 -11.32 5.88
C LEU A 253 14.47 -12.14 6.86
N ASP A 254 14.57 -13.42 6.83
CA ASP A 254 13.68 -14.29 7.60
C ASP A 254 14.32 -14.68 8.91
N PRO A 255 13.67 -14.44 10.07
CA PRO A 255 14.26 -14.93 11.32
C PRO A 255 14.56 -16.44 11.32
N ILE A 256 13.82 -17.24 10.54
CA ILE A 256 14.09 -18.69 10.47
C ILE A 256 14.85 -19.06 9.20
N ARG A 257 15.42 -18.06 8.53
CA ARG A 257 16.28 -18.31 7.38
C ARG A 257 17.31 -19.39 7.65
N ASP A 258 18.02 -19.30 8.79
CA ASP A 258 19.15 -20.18 9.06
C ASP A 258 18.70 -21.62 9.21
N SER A 259 17.44 -21.85 9.61
CA SER A 259 16.88 -23.19 9.69
C SER A 259 16.83 -23.83 8.31
N GLY A 260 16.44 -23.04 7.31
CA GLY A 260 16.47 -23.51 5.93
C GLY A 260 17.87 -23.74 5.42
N ARG A 261 18.80 -22.81 5.69
CA ARG A 261 20.21 -23.04 5.38
C ARG A 261 20.69 -24.36 5.98
N ASP A 262 20.37 -24.60 7.26
CA ASP A 262 20.79 -25.82 7.93
C ASP A 262 20.31 -27.06 7.18
N TYR A 263 19.04 -27.05 6.75
CA TYR A 263 18.49 -28.25 6.12
C TYR A 263 19.18 -28.51 4.79
N ALA A 264 19.34 -27.47 3.97
CA ALA A 264 20.00 -27.66 2.67
C ALA A 264 21.44 -28.14 2.87
N LYS A 265 22.14 -27.60 3.87
CA LYS A 265 23.49 -28.07 4.16
C LYS A 265 23.49 -29.54 4.56
N ALA A 266 22.48 -29.98 5.31
CA ALA A 266 22.42 -31.38 5.72
C ALA A 266 22.17 -32.30 4.52
N LEU A 267 21.39 -31.84 3.56
CA LEU A 267 21.17 -32.66 2.36
C LEU A 267 22.45 -32.79 1.53
N VAL A 268 23.18 -31.70 1.34
CA VAL A 268 24.46 -31.77 0.63
C VAL A 268 25.42 -32.69 1.39
N GLU A 269 25.46 -32.55 2.71
CA GLU A 269 26.31 -33.40 3.55
C GLU A 269 26.00 -34.88 3.34
N ALA A 270 24.72 -35.22 3.09
CA ALA A 270 24.30 -36.59 2.86
C ALA A 270 24.35 -36.96 1.37
N GLY A 271 24.87 -36.09 0.50
CA GLY A 271 25.00 -36.40 -0.91
C GLY A 271 23.72 -36.37 -1.72
N ARG A 272 22.72 -35.61 -1.27
CA ARG A 272 21.42 -35.57 -1.92
C ARG A 272 21.34 -34.37 -2.86
N ASP A 273 20.54 -34.50 -3.92
CA ASP A 273 20.40 -33.43 -4.91
C ASP A 273 19.52 -32.34 -4.32
N VAL A 274 19.99 -31.11 -4.33
CA VAL A 274 19.20 -30.04 -3.74
C VAL A 274 19.50 -28.74 -4.47
N VAL A 275 18.43 -27.97 -4.68
CA VAL A 275 18.53 -26.59 -5.15
C VAL A 275 18.28 -25.71 -3.95
N TYR A 276 19.22 -24.83 -3.64
CA TYR A 276 19.05 -23.88 -2.54
C TYR A 276 18.91 -22.49 -3.15
N LEU A 277 17.76 -21.84 -2.88
CA LEU A 277 17.46 -20.50 -3.39
C LEU A 277 17.13 -19.61 -2.21
N GLU A 278 17.88 -18.53 -2.04
CA GLU A 278 17.67 -17.62 -0.91
C GLU A 278 17.32 -16.28 -1.56
N MET A 279 16.04 -15.91 -1.49
CA MET A 279 15.55 -14.73 -2.16
C MET A 279 16.02 -13.49 -1.41
N GLU A 280 16.63 -12.56 -2.13
CA GLU A 280 17.41 -11.50 -1.50
C GLU A 280 16.54 -10.26 -1.37
N GLY A 281 16.48 -9.73 -0.15
CA GLY A 281 15.76 -8.50 0.10
C GLY A 281 14.28 -8.62 0.35
N VAL A 282 13.78 -9.85 0.62
CA VAL A 282 12.39 -10.07 0.94
C VAL A 282 12.30 -10.88 2.22
N THR A 283 11.09 -10.91 2.77
CA THR A 283 10.84 -11.51 4.06
C THR A 283 10.27 -12.91 3.95
N HIS A 284 10.19 -13.56 5.10
CA HIS A 284 9.27 -14.67 5.30
C HIS A 284 7.91 -14.34 4.70
N GLY A 285 7.28 -15.33 4.11
CA GLY A 285 5.93 -15.18 3.60
C GLY A 285 5.82 -14.58 2.23
N PHE A 286 6.92 -14.48 1.48
CA PHE A 286 6.88 -13.76 0.22
C PHE A 286 5.98 -14.41 -0.80
N THR A 287 5.66 -15.70 -0.65
CA THR A 287 4.80 -16.37 -1.60
C THR A 287 3.37 -15.86 -1.58
N ASN A 288 2.95 -15.14 -0.56
CA ASN A 288 1.55 -14.76 -0.41
C ASN A 288 1.36 -13.25 -0.35
N ILE A 289 2.35 -12.48 -0.80
CA ILE A 289 2.24 -11.02 -0.78
C ILE A 289 2.57 -10.50 -2.17
N ARG A 290 2.12 -11.23 -3.19
CA ARG A 290 2.60 -10.99 -4.55
C ARG A 290 1.94 -9.77 -5.22
N ALA A 291 0.87 -9.22 -4.65
CA ALA A 291 0.32 -7.95 -5.12
C ALA A 291 0.89 -6.76 -4.37
N ALA A 292 0.99 -6.88 -3.04
CA ALA A 292 1.51 -5.78 -2.26
C ALA A 292 3.00 -5.57 -2.50
N VAL A 293 3.74 -6.63 -2.81
CA VAL A 293 5.18 -6.53 -3.06
C VAL A 293 5.38 -7.20 -4.41
N PRO A 294 5.20 -6.48 -5.51
CA PRO A 294 5.09 -7.17 -6.81
C PRO A 294 6.32 -7.97 -7.19
N SER A 295 7.50 -7.62 -6.67
CA SER A 295 8.71 -8.36 -7.05
C SER A 295 8.69 -9.80 -6.53
N THR A 296 7.81 -10.10 -5.57
CA THR A 296 7.77 -11.48 -5.07
C THR A 296 7.10 -12.45 -6.03
N GLN A 297 6.33 -11.97 -7.02
CA GLN A 297 5.85 -12.88 -8.05
C GLN A 297 7.03 -13.53 -8.76
N GLY A 298 8.09 -12.77 -9.04
CA GLY A 298 9.27 -13.34 -9.67
C GLY A 298 9.99 -14.34 -8.80
N ASP A 299 9.98 -14.12 -7.48
CA ASP A 299 10.58 -15.10 -6.57
C ASP A 299 9.82 -16.42 -6.64
N LEU A 300 8.48 -16.37 -6.68
CA LEU A 300 7.70 -17.59 -6.84
C LEU A 300 7.98 -18.23 -8.19
N GLU A 301 8.12 -17.42 -9.24
CA GLU A 301 8.38 -17.98 -10.57
C GLU A 301 9.76 -18.65 -10.64
N ARG A 302 10.73 -18.22 -9.84
CA ARG A 302 12.01 -18.92 -9.82
C ARG A 302 11.88 -20.30 -9.18
N ILE A 303 11.12 -20.39 -8.09
CA ILE A 303 10.83 -21.70 -7.50
C ILE A 303 10.16 -22.61 -8.53
N ILE A 304 9.18 -22.08 -9.24
CA ILE A 304 8.46 -22.84 -10.26
C ILE A 304 9.43 -23.37 -11.33
N ALA A 305 10.34 -22.51 -11.80
CA ALA A 305 11.31 -22.93 -12.80
C ALA A 305 12.25 -24.01 -12.25
N ALA A 306 12.66 -23.86 -10.99
CA ALA A 306 13.48 -24.91 -10.38
C ALA A 306 12.71 -26.22 -10.26
N MET A 307 11.41 -26.16 -9.96
CA MET A 307 10.61 -27.38 -9.87
C MET A 307 10.53 -28.08 -11.22
N LYS A 308 10.30 -27.32 -12.28
CA LYS A 308 10.22 -27.94 -13.60
C LYS A 308 11.54 -28.58 -13.98
N MET A 309 12.65 -27.92 -13.67
CA MET A 309 13.96 -28.48 -13.97
C MET A 309 14.20 -29.77 -13.17
N MET A 310 13.88 -29.77 -11.89
CA MET A 310 14.14 -30.95 -11.08
C MET A 310 13.23 -32.11 -11.45
N LEU A 311 12.08 -31.84 -12.04
CA LEU A 311 11.19 -32.91 -12.48
C LEU A 311 11.57 -33.48 -13.85
N GLY A 312 12.43 -32.80 -14.59
CA GLY A 312 12.83 -33.30 -15.89
C GLY A 312 11.80 -32.99 -16.96
N THR B 4 28.72 -52.38 0.11
CA THR B 4 29.52 -51.88 -1.02
C THR B 4 28.81 -50.73 -1.74
N PRO B 5 29.57 -49.74 -2.21
CA PRO B 5 28.93 -48.58 -2.85
C PRO B 5 28.27 -48.93 -4.17
N PHE B 6 27.18 -48.25 -4.45
CA PHE B 6 26.44 -48.47 -5.69
C PHE B 6 27.27 -47.99 -6.88
N ILE B 7 27.35 -48.84 -7.91
CA ILE B 7 28.01 -48.54 -9.17
C ILE B 7 27.05 -48.94 -10.29
N ARG B 8 26.86 -48.05 -11.26
CA ARG B 8 26.04 -48.39 -12.40
C ARG B 8 26.69 -49.54 -13.17
N PRO B 9 25.89 -50.38 -13.83
CA PRO B 9 26.48 -51.50 -14.58
C PRO B 9 27.44 -51.07 -15.66
N ASP B 10 27.10 -50.03 -16.42
CA ASP B 10 28.00 -49.61 -17.49
C ASP B 10 29.26 -49.00 -16.92
N MET B 11 29.17 -48.28 -15.83
CA MET B 11 30.33 -47.71 -15.12
C MET B 11 31.24 -48.84 -14.62
N LYS B 12 30.68 -49.87 -14.00
CA LYS B 12 31.42 -51.02 -13.45
C LYS B 12 32.20 -51.68 -14.58
N ALA B 13 31.57 -51.88 -15.72
CA ALA B 13 32.20 -52.47 -16.91
C ALA B 13 33.45 -51.67 -17.27
N PHE B 14 33.35 -50.35 -17.30
CA PHE B 14 34.48 -49.49 -17.62
C PHE B 14 35.58 -49.68 -16.58
N LEU B 15 35.23 -49.68 -15.31
CA LEU B 15 36.22 -49.84 -14.26
C LEU B 15 36.91 -51.21 -14.34
N GLU B 16 36.15 -52.25 -14.65
CA GLU B 16 36.71 -53.59 -14.73
C GLU B 16 37.69 -53.71 -15.89
N ALA B 17 37.35 -53.06 -17.01
CA ALA B 17 38.21 -53.09 -18.19
C ALA B 17 39.51 -52.34 -17.94
N ILE B 18 39.43 -51.18 -17.29
CA ILE B 18 40.64 -50.47 -16.87
C ILE B 18 41.48 -51.34 -15.95
N ALA B 19 40.83 -52.03 -15.00
CA ALA B 19 41.57 -52.85 -14.07
C ALA B 19 42.28 -53.99 -14.80
N ALA B 20 41.61 -54.60 -15.76
CA ALA B 20 42.20 -55.69 -16.54
C ALA B 20 43.43 -55.24 -17.33
N MET B 21 43.44 -54.00 -17.82
CA MET B 21 44.61 -53.49 -18.53
C MET B 21 45.80 -53.32 -17.60
N ALA B 22 45.55 -53.04 -16.33
CA ALA B 22 46.61 -52.98 -15.32
C ALA B 22 47.75 -52.06 -15.75
N GLY B 23 47.39 -50.85 -16.19
CA GLY B 23 48.34 -49.90 -16.70
C GLY B 23 49.18 -49.24 -15.62
N PRO B 24 50.20 -48.51 -16.05
CA PRO B 24 51.08 -47.83 -15.08
C PRO B 24 50.37 -46.69 -14.35
N THR B 25 50.90 -46.36 -13.19
CA THR B 25 50.51 -45.16 -12.50
C THR B 25 51.16 -43.94 -13.15
N LEU B 26 50.68 -42.75 -12.78
CA LEU B 26 51.28 -41.51 -13.27
C LEU B 26 52.75 -41.40 -12.87
N ALA B 27 53.10 -41.90 -11.69
CA ALA B 27 54.49 -41.84 -11.24
C ALA B 27 55.38 -42.79 -12.04
N GLU B 28 54.82 -43.87 -12.56
CA GLU B 28 55.56 -44.85 -13.34
C GLU B 28 55.67 -44.46 -14.81
N MET B 29 55.15 -43.31 -15.18
CA MET B 29 55.10 -42.89 -16.56
C MET B 29 55.92 -41.63 -16.73
N THR B 30 56.37 -41.40 -17.96
CA THR B 30 56.95 -40.10 -18.26
C THR B 30 55.83 -39.07 -18.33
N LEU B 31 56.20 -37.80 -18.14
CA LEU B 31 55.24 -36.72 -18.25
C LEU B 31 54.54 -36.77 -19.61
N GLU B 32 55.32 -36.90 -20.69
CA GLU B 32 54.72 -36.98 -22.02
C GLU B 32 53.85 -38.22 -22.18
N GLU B 33 54.26 -39.33 -21.57
CA GLU B 33 53.43 -40.54 -21.62
C GLU B 33 52.10 -40.31 -20.90
N ALA B 34 52.16 -39.70 -19.72
CA ALA B 34 50.93 -39.43 -18.97
C ALA B 34 49.98 -38.57 -19.77
N ARG B 35 50.51 -37.52 -20.39
CA ARG B 35 49.66 -36.61 -21.16
C ARG B 35 49.07 -37.31 -22.38
N ALA B 36 49.85 -38.15 -23.06
CA ALA B 36 49.33 -38.84 -24.23
C ALA B 36 48.34 -39.93 -23.84
N SER B 37 48.54 -40.58 -22.69
CA SER B 37 47.59 -41.57 -22.21
C SER B 37 46.21 -40.95 -21.98
N TYR B 38 46.18 -39.73 -21.43
CA TYR B 38 44.92 -39.00 -21.23
C TYR B 38 44.27 -38.67 -22.56
N VAL B 39 45.07 -38.19 -23.53
CA VAL B 39 44.51 -37.90 -24.84
C VAL B 39 43.87 -39.15 -25.42
N ALA B 40 44.55 -40.28 -25.24
CA ALA B 40 44.09 -41.52 -25.84
C ALA B 40 42.82 -42.02 -25.17
N LEU B 41 42.78 -41.94 -23.84
CA LEU B 41 41.60 -42.36 -23.10
C LEU B 41 40.37 -41.61 -23.57
N HIS B 42 40.41 -40.27 -23.51
CA HIS B 42 39.25 -39.52 -23.95
C HIS B 42 38.96 -39.74 -25.42
N GLY B 43 39.99 -39.96 -26.25
CA GLY B 43 39.74 -40.19 -27.65
C GLY B 43 38.88 -41.42 -27.87
N MET B 44 39.06 -42.41 -27.04
CA MET B 44 38.26 -43.62 -27.19
C MET B 44 37.00 -43.61 -26.35
N ALA B 45 37.04 -43.03 -25.16
CA ALA B 45 35.95 -43.18 -24.20
C ALA B 45 34.88 -42.09 -24.32
N ASP B 46 35.20 -40.95 -24.91
CA ASP B 46 34.18 -39.92 -24.99
C ASP B 46 33.38 -40.04 -26.28
N ARG B 47 32.19 -39.51 -26.25
CA ARG B 47 31.41 -39.40 -27.47
C ARG B 47 32.13 -38.49 -28.46
N PRO B 48 31.80 -38.64 -29.74
CA PRO B 48 32.48 -37.83 -30.77
C PRO B 48 32.07 -36.36 -30.69
N ALA B 49 32.91 -35.54 -31.29
CA ALA B 49 32.64 -34.11 -31.36
C ALA B 49 31.33 -33.85 -32.10
N ARG B 50 30.57 -32.90 -31.61
CA ARG B 50 29.45 -32.36 -32.35
C ARG B 50 29.96 -31.51 -33.52
N GLU B 51 29.20 -31.53 -34.60
CA GLU B 51 29.45 -30.61 -35.72
C GLU B 51 28.95 -29.23 -35.31
N LEU B 52 29.81 -28.24 -35.44
CA LEU B 52 29.46 -26.87 -35.10
C LEU B 52 29.84 -25.95 -36.25
N ALA B 53 29.09 -24.85 -36.38
CA ALA B 53 29.41 -23.81 -37.36
C ALA B 53 30.79 -23.21 -37.10
N VAL B 54 31.17 -23.02 -35.85
CA VAL B 54 32.42 -22.37 -35.51
C VAL B 54 33.21 -23.22 -34.54
N ILE B 55 34.44 -23.58 -34.93
CA ILE B 55 35.47 -24.12 -34.04
C ILE B 55 36.75 -23.42 -34.47
N ARG B 56 37.24 -22.50 -33.65
CA ARG B 56 38.25 -21.53 -34.09
C ARG B 56 39.30 -21.34 -33.02
N ASN B 57 40.57 -21.49 -33.39
CA ASN B 57 41.64 -21.20 -32.46
C ASN B 57 41.85 -19.69 -32.40
N LEU B 58 42.02 -19.18 -31.19
CA LEU B 58 42.28 -17.76 -30.95
C LEU B 58 43.39 -17.69 -29.93
N SER B 59 43.73 -16.48 -29.51
CA SER B 59 44.70 -16.31 -28.44
C SER B 59 44.43 -14.96 -27.83
N CYS B 60 44.89 -14.77 -26.59
CA CYS B 60 44.74 -13.49 -25.93
C CYS B 60 46.01 -13.20 -25.15
N PRO B 61 46.30 -11.93 -24.89
CA PRO B 61 47.44 -11.59 -24.05
C PRO B 61 47.33 -12.20 -22.67
N GLY B 62 48.45 -12.71 -22.17
CA GLY B 62 48.53 -13.25 -20.83
C GLY B 62 49.67 -12.64 -20.04
N PRO B 63 49.73 -12.92 -18.73
CA PRO B 63 50.81 -12.36 -17.90
C PRO B 63 52.18 -12.90 -18.23
N ALA B 64 52.27 -14.09 -18.84
CA ALA B 64 53.55 -14.66 -19.24
C ALA B 64 53.61 -14.93 -20.74
N GLY B 65 52.81 -14.23 -21.53
CA GLY B 65 52.72 -14.45 -22.95
C GLY B 65 51.31 -14.80 -23.39
N ASP B 66 51.15 -14.96 -24.70
CA ASP B 66 49.85 -15.22 -25.26
C ASP B 66 49.29 -16.54 -24.72
N ILE B 67 47.99 -16.54 -24.46
CA ILE B 67 47.28 -17.73 -23.97
C ILE B 67 46.50 -18.29 -25.14
N PRO B 68 46.76 -19.51 -25.58
CA PRO B 68 45.93 -20.10 -26.65
C PRO B 68 44.52 -20.39 -26.14
N LEU B 69 43.54 -20.18 -27.02
CA LEU B 69 42.13 -20.39 -26.73
C LEU B 69 41.49 -21.14 -27.89
N ARG B 70 40.35 -21.76 -27.64
CA ARG B 70 39.55 -22.32 -28.71
C ARG B 70 38.11 -21.94 -28.52
N LEU B 71 37.53 -21.35 -29.56
CA LEU B 71 36.14 -20.89 -29.58
C LEU B 71 35.25 -21.93 -30.26
N TYR B 72 34.14 -22.25 -29.59
CA TYR B 72 33.14 -23.19 -30.07
C TYR B 72 31.79 -22.49 -30.12
N ASP B 73 31.15 -22.50 -31.26
CA ASP B 73 29.84 -21.87 -31.35
C ASP B 73 29.02 -22.57 -32.41
N ALA B 74 27.78 -22.92 -32.03
CA ALA B 74 26.81 -23.45 -32.97
C ALA B 74 26.39 -22.43 -34.02
N ARG B 75 26.68 -21.15 -33.80
CA ARG B 75 26.27 -20.06 -34.68
C ARG B 75 27.48 -19.23 -35.12
N GLU B 76 27.51 -18.88 -36.40
CA GLU B 76 28.53 -17.96 -36.89
C GLU B 76 28.28 -16.55 -36.37
N SER B 77 27.01 -16.19 -36.18
CA SER B 77 26.62 -14.84 -35.77
C SER B 77 25.50 -14.95 -34.74
N ARG B 78 25.64 -14.26 -33.61
CA ARG B 78 24.60 -14.36 -32.60
C ARG B 78 24.45 -13.03 -31.88
N GLU B 79 23.31 -12.89 -31.20
CA GLU B 79 23.03 -11.76 -30.32
C GLU B 79 23.96 -11.78 -29.12
N ALA B 80 24.03 -10.66 -28.43
CA ALA B 80 24.78 -10.56 -27.20
C ALA B 80 24.18 -11.51 -26.17
N GLY B 81 25.03 -12.07 -25.34
CA GLY B 81 24.60 -13.03 -24.37
C GLY B 81 25.77 -13.50 -23.54
N PRO B 82 25.52 -14.40 -22.60
CA PRO B 82 26.62 -14.92 -21.79
C PRO B 82 27.56 -15.74 -22.65
N VAL B 83 28.83 -15.75 -22.26
CA VAL B 83 29.84 -16.58 -22.93
C VAL B 83 30.44 -17.53 -21.90
N ILE B 84 30.47 -18.81 -22.26
CA ILE B 84 31.01 -19.82 -21.39
C ILE B 84 32.52 -19.83 -21.51
N THR B 85 33.21 -19.81 -20.37
CA THR B 85 34.67 -19.87 -20.33
C THR B 85 35.09 -21.13 -19.59
N PHE B 86 35.70 -22.04 -20.34
CA PHE B 86 35.92 -23.41 -19.92
C PHE B 86 37.39 -23.68 -19.62
N TYR B 87 37.65 -24.37 -18.50
CA TYR B 87 38.98 -24.75 -18.03
C TYR B 87 39.01 -26.25 -17.86
N HIS B 88 39.90 -26.93 -18.59
CA HIS B 88 39.89 -28.37 -18.60
C HIS B 88 40.49 -28.97 -17.34
N GLY B 89 40.09 -30.21 -17.06
CA GLY B 89 40.69 -30.99 -16.00
C GLY B 89 42.02 -31.62 -16.40
N GLY B 90 42.61 -32.33 -15.44
CA GLY B 90 43.90 -33.00 -15.58
C GLY B 90 44.89 -32.60 -14.52
N GLY B 91 44.42 -32.18 -13.34
CA GLY B 91 45.30 -31.96 -12.21
C GLY B 91 46.22 -30.77 -12.30
N PHE B 92 46.00 -29.87 -13.25
CA PHE B 92 46.91 -28.79 -13.61
C PHE B 92 48.22 -29.30 -14.22
N VAL B 93 48.26 -30.57 -14.60
CA VAL B 93 49.46 -31.20 -15.14
C VAL B 93 49.22 -31.77 -16.53
N ILE B 94 48.09 -32.46 -16.73
CA ILE B 94 47.76 -33.04 -18.02
C ILE B 94 46.51 -32.41 -18.60
N GLY B 95 46.10 -32.85 -19.77
CA GLY B 95 44.99 -32.24 -20.48
C GLY B 95 45.41 -31.03 -21.30
N ASP B 96 44.57 -30.70 -22.28
CA ASP B 96 44.77 -29.56 -23.15
C ASP B 96 43.48 -29.25 -23.89
N LEU B 97 43.56 -28.51 -25.00
CA LEU B 97 42.35 -28.17 -25.74
C LEU B 97 41.75 -29.38 -26.43
N ASP B 98 42.56 -30.40 -26.73
CA ASP B 98 42.03 -31.57 -27.42
C ASP B 98 41.42 -32.59 -26.47
N THR B 99 41.96 -32.78 -25.25
CA THR B 99 41.41 -33.78 -24.36
C THR B 99 39.94 -33.50 -24.03
N HIS B 100 39.53 -32.23 -24.04
CA HIS B 100 38.17 -31.86 -23.64
C HIS B 100 37.42 -31.23 -24.79
N HIS B 101 37.96 -31.35 -26.01
CA HIS B 101 37.33 -30.80 -27.20
C HIS B 101 35.92 -31.31 -27.39
N ASN B 102 35.72 -32.63 -27.39
CA ASN B 102 34.39 -33.15 -27.68
C ASN B 102 33.38 -32.66 -26.65
N LEU B 103 33.78 -32.64 -25.39
CA LEU B 103 32.92 -32.10 -24.33
C LEU B 103 32.56 -30.64 -24.60
N CYS B 104 33.55 -29.82 -25.00
CA CYS B 104 33.26 -28.43 -25.31
C CYS B 104 32.28 -28.33 -26.46
N THR B 105 32.43 -29.15 -27.50
CA THR B 105 31.44 -29.08 -28.58
C THR B 105 30.06 -29.46 -28.08
N GLU B 106 29.96 -30.39 -27.13
CA GLU B 106 28.65 -30.82 -26.63
C GLU B 106 28.01 -29.69 -25.82
N ILE B 107 28.78 -29.05 -24.95
CA ILE B 107 28.26 -27.93 -24.18
C ILE B 107 27.77 -26.82 -25.09
N ALA B 108 28.57 -26.50 -26.13
CA ALA B 108 28.15 -25.45 -27.05
C ALA B 108 26.89 -25.83 -27.79
N ALA B 109 26.80 -27.09 -28.24
CA ALA B 109 25.62 -27.49 -28.97
C ALA B 109 24.38 -27.50 -28.08
N LEU B 110 24.49 -28.02 -26.87
CA LEU B 110 23.32 -28.16 -26.01
C LEU B 110 22.89 -26.82 -25.38
N MET B 111 23.82 -25.93 -25.11
CA MET B 111 23.47 -24.64 -24.53
C MET B 111 23.09 -23.59 -25.55
N ASP B 112 23.53 -23.72 -26.80
CA ASP B 112 23.38 -22.67 -27.81
C ASP B 112 23.95 -21.36 -27.27
N LEU B 113 25.11 -21.48 -26.65
CA LEU B 113 25.96 -20.37 -26.24
C LEU B 113 27.37 -20.64 -26.74
N PRO B 114 28.18 -19.59 -26.90
CA PRO B 114 29.58 -19.81 -27.26
C PRO B 114 30.37 -20.29 -26.07
N VAL B 115 31.37 -21.12 -26.37
CA VAL B 115 32.28 -21.68 -25.38
C VAL B 115 33.69 -21.30 -25.79
N VAL B 116 34.45 -20.74 -24.84
CA VAL B 116 35.86 -20.43 -25.04
C VAL B 116 36.66 -21.27 -24.05
N ALA B 117 37.41 -22.24 -24.58
CA ALA B 117 38.26 -23.10 -23.77
C ALA B 117 39.66 -22.51 -23.66
N VAL B 118 40.29 -22.69 -22.49
CA VAL B 118 41.56 -22.05 -22.17
C VAL B 118 42.69 -23.07 -22.11
N ASP B 119 43.75 -22.81 -22.89
CA ASP B 119 44.95 -23.65 -22.89
C ASP B 119 45.96 -23.03 -21.91
N TYR B 120 45.62 -23.15 -20.64
CA TYR B 120 46.43 -22.56 -19.60
C TYR B 120 47.73 -23.33 -19.36
N ARG B 121 48.70 -22.62 -18.77
CA ARG B 121 50.02 -23.19 -18.53
C ARG B 121 49.94 -24.32 -17.53
N LEU B 122 50.72 -25.37 -17.77
CA LEU B 122 50.66 -26.59 -17.00
C LEU B 122 51.90 -26.78 -16.12
N ALA B 123 51.69 -27.44 -14.99
CA ALA B 123 52.75 -27.94 -14.13
C ALA B 123 53.20 -29.29 -14.63
N PRO B 124 54.40 -29.75 -14.22
CA PRO B 124 55.37 -29.12 -13.30
C PRO B 124 56.16 -27.97 -13.91
N GLU B 125 56.11 -27.84 -15.24
CA GLU B 125 56.85 -26.78 -15.91
C GLU B 125 56.47 -25.40 -15.40
N HIS B 126 55.18 -25.16 -15.16
CA HIS B 126 54.69 -23.89 -14.63
C HIS B 126 53.84 -24.20 -13.41
N PRO B 127 54.39 -24.11 -12.21
CA PRO B 127 53.62 -24.46 -11.01
C PRO B 127 52.64 -23.35 -10.66
N PHE B 128 51.84 -23.64 -9.65
CA PHE B 128 50.92 -22.69 -9.05
C PHE B 128 51.63 -21.37 -8.85
N PRO B 129 51.02 -20.22 -9.17
CA PRO B 129 49.64 -20.05 -9.65
C PRO B 129 49.47 -19.86 -11.16
N ALA B 130 50.36 -20.46 -11.96
CA ALA B 130 50.37 -20.13 -13.39
C ALA B 130 49.04 -20.44 -14.06
N ALA B 131 48.47 -21.62 -13.77
CA ALA B 131 47.21 -22.00 -14.40
C ALA B 131 46.12 -20.98 -14.07
N ILE B 132 46.01 -20.60 -12.80
CA ILE B 132 45.02 -19.62 -12.37
C ILE B 132 45.25 -18.28 -13.06
N GLU B 133 46.49 -17.84 -13.15
CA GLU B 133 46.77 -16.57 -13.81
C GLU B 133 46.23 -16.58 -15.23
N ASP B 134 46.44 -17.67 -15.95
CA ASP B 134 46.00 -17.75 -17.33
C ASP B 134 44.48 -17.85 -17.42
N CYS B 135 43.86 -18.66 -16.55
CA CYS B 135 42.41 -18.77 -16.60
C CYS B 135 41.75 -17.43 -16.27
N GLU B 136 42.27 -16.72 -15.28
CA GLU B 136 41.71 -15.41 -14.96
C GLU B 136 41.88 -14.46 -16.14
N ALA B 137 43.09 -14.42 -16.72
CA ALA B 137 43.35 -13.46 -17.78
C ALA B 137 42.47 -13.72 -18.98
N ALA B 138 42.32 -14.99 -19.37
CA ALA B 138 41.48 -15.33 -20.51
C ALA B 138 40.02 -15.00 -20.25
N THR B 139 39.54 -15.23 -19.02
CA THR B 139 38.15 -14.94 -18.73
C THR B 139 37.89 -13.44 -18.77
N ARG B 140 38.81 -12.63 -18.20
CA ARG B 140 38.69 -11.18 -18.30
C ARG B 140 38.70 -10.73 -19.75
N TRP B 141 39.55 -11.33 -20.58
CA TRP B 141 39.61 -10.97 -22.00
C TRP B 141 38.28 -11.25 -22.68
N VAL B 142 37.73 -12.46 -22.49
CA VAL B 142 36.42 -12.77 -23.05
C VAL B 142 35.38 -11.78 -22.56
N ALA B 143 35.43 -11.45 -21.27
CA ALA B 143 34.44 -10.58 -20.67
C ALA B 143 34.48 -9.16 -21.24
N SER B 144 35.57 -8.78 -21.89
CA SER B 144 35.68 -7.46 -22.50
C SER B 144 35.08 -7.39 -23.88
N SER B 145 34.59 -8.50 -24.44
CA SER B 145 33.96 -8.53 -25.76
C SER B 145 34.93 -7.98 -26.79
N PRO B 146 36.10 -8.56 -26.90
CA PRO B 146 37.06 -8.09 -27.91
C PRO B 146 36.57 -8.38 -29.31
N SER B 147 36.98 -7.52 -30.24
CA SER B 147 36.54 -7.66 -31.62
C SER B 147 36.83 -9.07 -32.14
N GLU B 148 37.98 -9.62 -31.78
CA GLU B 148 38.40 -10.90 -32.35
C GLU B 148 37.53 -12.06 -31.87
N LEU B 149 36.78 -11.88 -30.79
CA LEU B 149 35.90 -12.95 -30.31
C LEU B 149 34.73 -13.17 -31.24
N GLY B 150 34.25 -12.12 -31.89
CA GLY B 150 33.18 -12.23 -32.87
C GLY B 150 31.79 -12.34 -32.28
N ARG B 151 31.67 -12.24 -30.95
CA ARG B 151 30.42 -12.27 -30.21
C ARG B 151 30.54 -11.28 -29.06
N THR B 152 29.42 -10.67 -28.68
CA THR B 152 29.40 -9.82 -27.50
C THR B 152 28.98 -10.61 -26.28
N ALA B 153 29.75 -10.47 -25.21
CA ALA B 153 29.45 -11.08 -23.92
C ALA B 153 28.68 -10.10 -23.06
N SER B 154 27.49 -10.50 -22.62
CA SER B 154 26.77 -9.77 -21.56
C SER B 154 27.16 -10.24 -20.17
N GLY B 155 27.87 -11.36 -20.09
CA GLY B 155 28.30 -11.96 -18.83
C GLY B 155 29.14 -13.16 -19.19
N VAL B 156 29.83 -13.71 -18.18
CA VAL B 156 30.61 -14.91 -18.43
C VAL B 156 30.15 -16.03 -17.50
N ILE B 157 30.37 -17.26 -17.96
CA ILE B 157 30.01 -18.48 -17.21
C ILE B 157 31.25 -19.35 -17.09
N PRO B 158 32.02 -19.23 -16.02
CA PRO B 158 33.14 -20.15 -15.80
C PRO B 158 32.63 -21.55 -15.56
N ILE B 159 33.29 -22.51 -16.20
CA ILE B 159 32.93 -23.92 -16.07
C ILE B 159 34.20 -24.72 -16.23
N GLY B 160 34.29 -25.83 -15.54
CA GLY B 160 35.44 -26.72 -15.73
C GLY B 160 35.34 -27.94 -14.86
N ASP B 161 36.04 -28.97 -15.26
CA ASP B 161 36.02 -30.28 -14.59
C ASP B 161 37.30 -30.49 -13.77
N SER B 162 37.22 -31.02 -12.56
CA SER B 162 38.37 -31.43 -11.72
C SER B 162 39.27 -30.21 -11.46
N ALA B 163 40.55 -30.16 -11.81
CA ALA B 163 41.36 -28.93 -11.68
C ALA B 163 40.63 -27.76 -12.33
N GLY B 164 39.91 -27.95 -13.41
CA GLY B 164 39.20 -26.83 -14.02
C GLY B 164 38.02 -26.37 -13.20
N GLY B 165 37.47 -27.26 -12.36
CA GLY B 165 36.44 -26.85 -11.41
C GLY B 165 37.02 -26.01 -10.29
N ASN B 166 38.23 -26.36 -9.84
CA ASN B 166 38.99 -25.49 -8.95
C ASN B 166 39.21 -24.12 -9.58
N ALA B 167 39.65 -24.10 -10.85
CA ALA B 167 39.89 -22.83 -11.53
C ALA B 167 38.59 -22.04 -11.68
N THR B 168 37.49 -22.73 -11.96
CA THR B 168 36.18 -22.08 -12.06
C THR B 168 35.89 -21.23 -10.82
N ILE B 169 36.00 -21.83 -9.65
CA ILE B 169 35.70 -21.13 -8.40
C ILE B 169 36.69 -20.00 -8.18
N VAL B 170 37.99 -20.27 -8.35
CA VAL B 170 39.01 -19.23 -8.14
C VAL B 170 38.77 -18.04 -9.07
N VAL B 171 38.47 -18.29 -10.34
CA VAL B 171 38.19 -17.20 -11.28
C VAL B 171 36.98 -16.39 -10.81
N SER B 172 35.92 -17.10 -10.41
CA SER B 172 34.73 -16.42 -9.89
C SER B 172 35.07 -15.55 -8.68
N GLN B 173 35.91 -16.05 -7.78
CA GLN B 173 36.33 -15.25 -6.64
C GLN B 173 37.18 -14.05 -7.07
N LEU B 174 38.09 -14.25 -8.02
CA LEU B 174 38.95 -13.14 -8.44
C LEU B 174 38.16 -12.06 -9.13
N LEU B 175 37.25 -12.45 -10.03
CA LEU B 175 36.38 -11.48 -10.69
C LEU B 175 35.39 -10.87 -9.71
N GLY B 176 34.99 -11.61 -8.68
CA GLY B 176 34.14 -11.00 -7.66
C GLY B 176 34.85 -9.89 -6.91
N ALA B 177 36.13 -10.09 -6.61
CA ALA B 177 36.91 -9.08 -5.90
C ALA B 177 37.27 -7.90 -6.79
N LYS B 178 37.64 -8.17 -8.04
CA LYS B 178 38.02 -7.14 -9.01
C LYS B 178 37.26 -7.41 -10.28
N PRO B 179 36.09 -6.80 -10.44
CA PRO B 179 35.20 -7.17 -11.54
C PRO B 179 35.82 -6.97 -12.91
N ALA B 180 35.42 -7.85 -13.82
CA ALA B 180 35.72 -7.70 -15.24
C ALA B 180 34.65 -6.79 -15.84
N ASP B 181 34.68 -6.63 -17.17
CA ASP B 181 33.76 -5.70 -17.80
C ASP B 181 32.31 -6.15 -17.72
N VAL B 182 32.07 -7.45 -17.56
CA VAL B 182 30.74 -7.97 -17.30
C VAL B 182 30.83 -8.96 -16.14
N PRO B 183 29.71 -9.24 -15.49
CA PRO B 183 29.75 -10.10 -14.30
C PRO B 183 29.81 -11.58 -14.66
N VAL B 184 30.29 -12.36 -13.69
CA VAL B 184 30.05 -13.81 -13.68
C VAL B 184 28.58 -14.01 -13.35
N VAL B 185 27.80 -14.53 -14.31
CA VAL B 185 26.37 -14.72 -14.10
C VAL B 185 26.03 -16.10 -13.58
N LEU B 186 26.98 -17.02 -13.63
CA LEU B 186 26.79 -18.42 -13.26
C LEU B 186 28.17 -19.05 -13.28
N GLN B 187 28.43 -19.93 -12.33
CA GLN B 187 29.63 -20.77 -12.37
C GLN B 187 29.23 -22.23 -12.24
N VAL B 188 29.99 -23.08 -12.93
CA VAL B 188 29.67 -24.50 -12.96
C VAL B 188 30.91 -25.34 -12.67
N PRO B 189 31.33 -25.40 -11.41
CA PRO B 189 32.45 -26.30 -11.04
C PRO B 189 31.98 -27.75 -11.01
N ILE B 190 32.60 -28.55 -11.85
CA ILE B 190 32.25 -29.99 -12.02
C ILE B 190 33.33 -30.84 -11.35
N PHE B 191 32.95 -31.73 -10.43
CA PHE B 191 33.79 -32.50 -9.50
C PHE B 191 35.04 -31.68 -9.15
N PRO B 192 34.89 -30.49 -8.57
CA PRO B 192 36.02 -29.65 -8.32
C PRO B 192 36.79 -30.00 -7.06
N LEU B 193 38.05 -29.63 -7.07
CA LEU B 193 38.86 -29.60 -5.85
C LEU B 193 38.73 -28.19 -5.28
N ALA B 194 37.96 -28.05 -4.21
CA ALA B 194 37.77 -26.76 -3.55
C ALA B 194 38.45 -26.70 -2.20
N SER B 195 38.27 -27.73 -1.39
CA SER B 195 38.96 -27.95 -0.12
C SER B 195 40.02 -29.04 -0.31
N ASP B 196 41.05 -29.02 0.52
CA ASP B 196 42.04 -30.07 0.50
C ASP B 196 41.37 -31.42 0.78
N ALA B 197 41.64 -32.39 -0.08
CA ALA B 197 40.99 -33.69 0.07
C ALA B 197 41.58 -34.52 1.20
N VAL B 198 42.80 -34.19 1.66
CA VAL B 198 43.46 -35.02 2.67
C VAL B 198 42.62 -35.04 3.93
N GLY B 199 42.38 -36.24 4.45
CA GLY B 199 41.56 -36.41 5.63
C GLY B 199 40.08 -36.61 5.34
N SER B 200 39.65 -36.43 4.11
CA SER B 200 38.25 -36.58 3.78
C SER B 200 37.86 -38.05 3.74
N ALA B 201 36.64 -38.34 4.18
CA ALA B 201 36.13 -39.71 4.10
C ALA B 201 36.16 -40.24 2.67
N SER B 202 35.83 -39.39 1.68
CA SER B 202 35.74 -39.89 0.31
C SER B 202 37.12 -40.28 -0.22
N LEU B 203 38.17 -39.55 0.17
CA LEU B 203 39.50 -39.87 -0.34
C LEU B 203 39.90 -41.30 0.06
N GLU B 204 39.63 -41.68 1.31
CA GLU B 204 40.02 -43.01 1.75
C GLU B 204 39.05 -44.08 1.23
N ALA B 205 37.76 -43.78 1.10
CA ALA B 205 36.85 -44.79 0.59
C ALA B 205 37.10 -45.08 -0.90
N PHE B 206 37.52 -44.08 -1.66
CA PHE B 206 37.68 -44.24 -3.11
C PHE B 206 39.14 -44.03 -3.54
N ALA B 207 40.06 -44.29 -2.61
CA ALA B 207 41.49 -44.09 -2.89
C ALA B 207 41.97 -44.91 -4.08
N GLU B 208 41.35 -46.06 -4.36
CA GLU B 208 41.84 -46.90 -5.44
C GLU B 208 40.67 -47.47 -6.21
N GLY B 209 40.88 -47.70 -7.49
CA GLY B 209 39.93 -48.40 -8.38
C GLY B 209 38.78 -47.58 -8.89
N PHE B 210 38.81 -46.26 -8.78
CA PHE B 210 37.69 -45.44 -9.27
C PHE B 210 38.16 -44.39 -10.25
N VAL B 211 39.04 -44.74 -11.19
CA VAL B 211 39.65 -43.87 -12.24
C VAL B 211 40.60 -42.88 -11.58
N LEU B 212 40.13 -41.90 -10.82
CA LEU B 212 41.01 -40.96 -10.10
C LEU B 212 41.42 -41.66 -8.81
N THR B 213 42.70 -41.70 -8.55
CA THR B 213 43.25 -42.40 -7.41
C THR B 213 43.92 -41.40 -6.48
N LYS B 214 44.04 -41.80 -5.21
CA LYS B 214 44.83 -41.05 -4.25
C LYS B 214 46.26 -40.83 -4.76
N ALA B 215 46.85 -41.84 -5.39
CA ALA B 215 48.21 -41.70 -5.89
C ALA B 215 48.29 -40.59 -6.94
N SER B 216 47.33 -40.55 -7.87
CA SER B 216 47.34 -39.50 -8.88
C SER B 216 47.13 -38.13 -8.23
N ILE B 217 46.23 -38.04 -7.25
CA ILE B 217 46.01 -36.78 -6.55
C ILE B 217 47.31 -36.28 -5.93
N GLU B 218 48.07 -37.18 -5.30
CA GLU B 218 49.36 -36.77 -4.71
C GLU B 218 50.35 -36.38 -5.79
N PHE B 219 50.38 -37.11 -6.91
CA PHE B 219 51.23 -36.77 -8.04
C PHE B 219 50.95 -35.36 -8.55
N PHE B 220 49.68 -35.06 -8.83
CA PHE B 220 49.32 -33.72 -9.26
C PHE B 220 49.76 -32.67 -8.23
N ASP B 221 49.51 -32.94 -6.95
CA ASP B 221 49.83 -31.98 -5.90
C ASP B 221 51.31 -31.66 -5.90
N THR B 222 52.15 -32.70 -5.98
CA THR B 222 53.60 -32.48 -5.98
C THR B 222 54.05 -31.66 -7.18
N ALA B 223 53.41 -31.82 -8.33
CA ALA B 223 53.78 -31.04 -9.51
C ALA B 223 53.30 -29.60 -9.40
N TYR B 224 52.06 -29.38 -8.95
CA TYR B 224 51.47 -28.04 -9.00
C TYR B 224 51.96 -27.17 -7.85
N LYS B 225 52.12 -27.76 -6.66
CA LYS B 225 52.70 -27.07 -5.50
C LYS B 225 51.88 -25.85 -5.11
N ALA B 226 50.57 -26.05 -4.99
CA ALA B 226 49.70 -24.97 -4.54
C ALA B 226 49.90 -24.69 -3.06
N ASP B 227 49.83 -23.43 -2.69
CA ASP B 227 49.95 -23.00 -1.30
C ASP B 227 48.66 -23.35 -0.56
N ARG B 228 48.76 -24.33 0.34
CA ARG B 228 47.71 -24.74 1.27
C ARG B 228 46.92 -23.61 1.93
N ALA B 229 47.53 -22.45 2.10
CA ALA B 229 46.89 -21.34 2.77
C ALA B 229 46.35 -20.29 1.81
N ASP B 230 46.47 -20.52 0.50
CA ASP B 230 46.11 -19.54 -0.50
C ASP B 230 44.76 -19.88 -1.08
N PRO B 231 43.78 -18.98 -1.04
CA PRO B 231 42.47 -19.29 -1.64
C PRO B 231 42.53 -19.51 -3.14
N ARG B 232 43.59 -19.07 -3.83
CA ARG B 232 43.73 -19.38 -5.25
C ARG B 232 44.13 -20.83 -5.47
N GLY B 233 44.64 -21.49 -4.42
CA GLY B 233 44.91 -22.91 -4.45
C GLY B 233 43.76 -23.73 -3.91
N PHE B 234 43.13 -23.24 -2.85
CA PHE B 234 42.05 -23.95 -2.15
C PHE B 234 40.92 -22.97 -1.90
N PRO B 235 40.01 -22.80 -2.87
CA PRO B 235 39.05 -21.69 -2.81
C PRO B 235 37.95 -21.87 -1.77
N ILE B 236 37.88 -23.00 -1.07
CA ILE B 236 37.04 -23.07 0.14
C ILE B 236 37.46 -21.99 1.12
N LEU B 237 38.70 -21.52 1.02
CA LEU B 237 39.22 -20.48 1.88
C LEU B 237 38.78 -19.09 1.46
N GLY B 238 38.15 -18.94 0.30
CA GLY B 238 37.80 -17.63 -0.19
C GLY B 238 36.56 -17.08 0.49
N ASP B 239 36.24 -15.86 0.10
CA ASP B 239 35.06 -15.15 0.58
C ASP B 239 33.86 -15.56 -0.25
N HIS B 240 32.95 -16.30 0.35
CA HIS B 240 31.76 -16.79 -0.37
C HIS B 240 30.60 -15.82 -0.31
N THR B 241 30.73 -14.69 0.39
CA THR B 241 29.54 -13.88 0.66
C THR B 241 28.93 -13.29 -0.60
N ALA B 242 29.69 -13.13 -1.68
CA ALA B 242 29.11 -12.69 -2.94
C ALA B 242 29.36 -13.68 -4.08
N ALA B 243 29.42 -14.97 -3.79
CA ALA B 243 29.57 -15.95 -4.85
C ALA B 243 28.44 -15.80 -5.87
N PRO B 244 28.72 -15.97 -7.15
CA PRO B 244 27.66 -15.95 -8.16
C PRO B 244 26.77 -17.17 -8.03
N PRO B 245 25.61 -17.18 -8.70
CA PRO B 245 24.82 -18.41 -8.80
C PRO B 245 25.72 -19.57 -9.22
N THR B 246 25.52 -20.73 -8.61
CA THR B 246 26.47 -21.83 -8.75
C THR B 246 25.74 -23.14 -8.98
N ILE B 247 26.31 -23.96 -9.87
CA ILE B 247 25.94 -25.37 -9.98
C ILE B 247 27.18 -26.18 -9.66
N VAL B 248 27.13 -26.94 -8.58
CA VAL B 248 28.20 -27.85 -8.17
C VAL B 248 27.74 -29.24 -8.55
N ALA B 249 28.48 -29.90 -9.45
CA ALA B 249 28.22 -31.30 -9.78
C ALA B 249 29.36 -32.16 -9.27
N THR B 250 29.02 -33.24 -8.59
CA THR B 250 30.00 -34.16 -8.05
C THR B 250 29.63 -35.57 -8.52
N ALA B 251 30.50 -36.52 -8.19
CA ALA B 251 30.24 -37.93 -8.45
C ALA B 251 30.31 -38.70 -7.14
N SER B 252 29.41 -39.67 -6.98
CA SER B 252 29.28 -40.36 -5.71
C SER B 252 30.49 -41.24 -5.40
N LEU B 253 31.20 -41.72 -6.43
CA LEU B 253 32.36 -42.58 -6.26
C LEU B 253 33.70 -41.85 -6.39
N ASP B 254 33.71 -40.57 -6.13
CA ASP B 254 34.88 -39.73 -6.39
C ASP B 254 35.67 -39.51 -5.11
N PRO B 255 36.97 -39.78 -5.10
CA PRO B 255 37.74 -39.49 -3.87
C PRO B 255 37.68 -38.02 -3.45
N ILE B 256 37.45 -37.08 -4.37
CA ILE B 256 37.33 -35.67 -3.97
C ILE B 256 35.87 -35.19 -3.93
N ARG B 257 34.93 -36.13 -3.94
CA ARG B 257 33.51 -35.82 -3.78
C ARG B 257 33.24 -34.91 -2.59
N ASP B 258 33.85 -35.23 -1.44
CA ASP B 258 33.59 -34.47 -0.22
C ASP B 258 34.05 -33.03 -0.36
N SER B 259 35.05 -32.76 -1.23
CA SER B 259 35.48 -31.38 -1.46
C SER B 259 34.39 -30.57 -2.15
N GLY B 260 33.67 -31.19 -3.08
CA GLY B 260 32.54 -30.51 -3.69
C GLY B 260 31.36 -30.34 -2.74
N ARG B 261 31.06 -31.37 -1.94
CA ARG B 261 30.07 -31.20 -0.87
C ARG B 261 30.43 -30.02 0.02
N ASP B 262 31.70 -29.96 0.45
CA ASP B 262 32.14 -28.89 1.34
C ASP B 262 31.88 -27.52 0.70
N TYR B 263 32.18 -27.38 -0.60
CA TYR B 263 32.00 -26.10 -1.26
C TYR B 263 30.53 -25.71 -1.32
N ALA B 264 29.66 -26.64 -1.73
CA ALA B 264 28.24 -26.33 -1.84
C ALA B 264 27.66 -25.98 -0.47
N LYS B 265 28.06 -26.70 0.57
CA LYS B 265 27.65 -26.35 1.94
C LYS B 265 28.09 -24.92 2.30
N ALA B 266 29.31 -24.55 1.93
CA ALA B 266 29.80 -23.21 2.25
C ALA B 266 28.98 -22.14 1.56
N LEU B 267 28.56 -22.39 0.31
CA LEU B 267 27.71 -21.42 -0.37
C LEU B 267 26.36 -21.28 0.33
N VAL B 268 25.74 -22.39 0.72
CA VAL B 268 24.47 -22.31 1.47
C VAL B 268 24.69 -21.54 2.77
N GLU B 269 25.75 -21.86 3.49
CA GLU B 269 26.05 -21.16 4.74
C GLU B 269 26.13 -19.66 4.51
N ALA B 270 26.67 -19.23 3.37
CA ALA B 270 26.78 -17.83 3.04
C ALA B 270 25.51 -17.25 2.40
N GLY B 271 24.48 -18.06 2.22
CA GLY B 271 23.23 -17.57 1.67
C GLY B 271 23.20 -17.44 0.16
N ARG B 272 24.05 -18.17 -0.55
CA ARG B 272 24.15 -18.04 -2.01
C ARG B 272 23.33 -19.12 -2.70
N ASP B 273 22.86 -18.81 -3.90
CA ASP B 273 22.03 -19.73 -4.65
C ASP B 273 22.92 -20.80 -5.26
N VAL B 274 22.56 -22.06 -5.04
CA VAL B 274 23.37 -23.17 -5.50
C VAL B 274 22.48 -24.36 -5.81
N VAL B 275 22.81 -25.01 -6.92
CA VAL B 275 22.29 -26.31 -7.26
C VAL B 275 23.40 -27.30 -6.96
N TYR B 276 23.11 -28.29 -6.12
CA TYR B 276 24.05 -29.37 -5.80
C TYR B 276 23.53 -30.66 -6.42
N LEU B 277 24.28 -31.20 -7.37
CA LEU B 277 23.93 -32.46 -8.02
C LEU B 277 25.06 -33.46 -7.77
N GLU B 278 24.72 -34.62 -7.21
CA GLU B 278 25.69 -35.66 -6.94
C GLU B 278 25.27 -36.87 -7.77
N MET B 279 26.01 -37.11 -8.86
CA MET B 279 25.63 -38.16 -9.78
C MET B 279 25.91 -39.53 -9.14
N GLU B 280 24.89 -40.40 -9.17
CA GLU B 280 24.87 -41.63 -8.39
C GLU B 280 25.47 -42.77 -9.22
N GLY B 281 26.50 -43.42 -8.68
CA GLY B 281 27.04 -44.63 -9.28
C GLY B 281 28.05 -44.40 -10.39
N VAL B 282 28.62 -43.19 -10.47
CA VAL B 282 29.63 -42.89 -11.47
C VAL B 282 30.82 -42.27 -10.76
N THR B 283 31.93 -42.20 -11.50
CA THR B 283 33.20 -41.77 -10.96
C THR B 283 33.52 -40.34 -11.37
N HIS B 284 34.59 -39.83 -10.75
CA HIS B 284 35.32 -38.69 -11.28
C HIS B 284 35.54 -38.83 -12.78
N GLY B 285 35.42 -37.71 -13.49
CA GLY B 285 35.68 -37.67 -14.90
C GLY B 285 34.54 -38.12 -15.78
N PHE B 286 33.32 -38.25 -15.24
CA PHE B 286 32.23 -38.77 -16.05
C PHE B 286 31.88 -37.90 -17.26
N THR B 287 32.27 -36.63 -17.28
CA THR B 287 31.92 -35.77 -18.40
C THR B 287 32.62 -36.18 -19.70
N ASN B 288 33.67 -37.00 -19.63
CA ASN B 288 34.52 -37.27 -20.79
C ASN B 288 34.58 -38.75 -21.14
N ILE B 289 33.69 -39.56 -20.56
CA ILE B 289 33.64 -40.99 -20.85
C ILE B 289 32.25 -41.36 -21.34
N ARG B 290 31.66 -40.48 -22.14
CA ARG B 290 30.24 -40.59 -22.45
C ARG B 290 29.92 -41.62 -23.53
N ALA B 291 30.93 -42.16 -24.23
CA ALA B 291 30.72 -43.32 -25.12
C ALA B 291 31.00 -44.62 -24.39
N ALA B 292 32.08 -44.63 -23.62
CA ALA B 292 32.46 -45.76 -22.78
C ALA B 292 31.36 -46.12 -21.79
N VAL B 293 30.78 -45.11 -21.16
CA VAL B 293 29.77 -45.29 -20.12
C VAL B 293 28.58 -44.47 -20.60
N PRO B 294 27.71 -45.02 -21.44
CA PRO B 294 26.72 -44.18 -22.11
C PRO B 294 25.76 -43.47 -21.15
N SER B 295 25.58 -43.98 -19.93
CA SER B 295 24.67 -43.30 -18.99
C SER B 295 25.22 -41.95 -18.55
N THR B 296 26.52 -41.71 -18.72
CA THR B 296 27.08 -40.41 -18.32
C THR B 296 26.66 -39.27 -19.24
N GLN B 297 26.20 -39.56 -20.45
CA GLN B 297 25.63 -38.49 -21.27
C GLN B 297 24.44 -37.84 -20.54
N GLY B 298 23.60 -38.68 -19.92
CA GLY B 298 22.47 -38.18 -19.16
C GLY B 298 22.88 -37.32 -17.99
N ASP B 299 24.00 -37.65 -17.34
CA ASP B 299 24.50 -36.82 -16.26
C ASP B 299 24.89 -35.44 -16.78
N LEU B 300 25.62 -35.40 -17.90
CA LEU B 300 25.94 -34.12 -18.50
C LEU B 300 24.67 -33.35 -18.83
N GLU B 301 23.68 -34.03 -19.38
CA GLU B 301 22.44 -33.37 -19.76
C GLU B 301 21.71 -32.79 -18.56
N ARG B 302 21.84 -33.41 -17.39
CA ARG B 302 21.22 -32.84 -16.19
C ARG B 302 21.90 -31.54 -15.81
N ILE B 303 23.24 -31.50 -15.94
CA ILE B 303 23.97 -30.27 -15.65
C ILE B 303 23.53 -29.16 -16.59
N ILE B 304 23.42 -29.48 -17.89
CA ILE B 304 22.92 -28.55 -18.89
C ILE B 304 21.55 -28.01 -18.50
N ALA B 305 20.63 -28.89 -18.11
CA ALA B 305 19.28 -28.43 -17.77
C ALA B 305 19.32 -27.50 -16.57
N ALA B 306 20.19 -27.79 -15.60
CA ALA B 306 20.34 -26.89 -14.44
C ALA B 306 20.92 -25.56 -14.86
N MET B 307 21.88 -25.55 -15.79
CA MET B 307 22.44 -24.30 -16.28
C MET B 307 21.38 -23.44 -16.95
N LYS B 308 20.55 -24.06 -17.80
CA LYS B 308 19.49 -23.29 -18.47
C LYS B 308 18.52 -22.72 -17.44
N MET B 309 18.14 -23.51 -16.44
CA MET B 309 17.25 -22.97 -15.41
C MET B 309 17.90 -21.82 -14.65
N MET B 310 19.18 -21.97 -14.28
CA MET B 310 19.82 -20.95 -13.48
C MET B 310 20.13 -19.68 -14.28
N LEU B 311 20.13 -19.76 -15.61
CA LEU B 311 20.29 -18.59 -16.47
C LEU B 311 18.97 -17.90 -16.80
N GLY B 312 17.83 -18.55 -16.59
CA GLY B 312 16.54 -17.89 -16.73
C GLY B 312 16.02 -17.79 -18.14
N THR C 4 -18.68 9.40 -16.85
CA THR C 4 -18.32 8.93 -15.52
C THR C 4 -18.04 10.11 -14.60
N PRO C 5 -18.17 9.90 -13.30
CA PRO C 5 -17.88 10.99 -12.35
C PRO C 5 -16.38 11.17 -12.15
N PHE C 6 -16.04 12.37 -11.70
CA PHE C 6 -14.64 12.70 -11.48
C PHE C 6 -14.04 11.91 -10.32
N ILE C 7 -12.87 11.32 -10.58
CA ILE C 7 -12.10 10.57 -9.59
C ILE C 7 -10.66 11.04 -9.69
N ARG C 8 -10.06 11.39 -8.55
CA ARG C 8 -8.68 11.80 -8.56
C ARG C 8 -7.80 10.64 -8.98
N PRO C 9 -6.68 10.90 -9.67
CA PRO C 9 -5.82 9.78 -10.10
C PRO C 9 -5.35 8.91 -8.96
N ASP C 10 -4.95 9.47 -7.81
CA ASP C 10 -4.49 8.58 -6.75
C ASP C 10 -5.66 7.79 -6.17
N MET C 11 -6.86 8.39 -6.09
CA MET C 11 -8.05 7.64 -5.65
C MET C 11 -8.36 6.50 -6.63
N LYS C 12 -8.24 6.77 -7.94
CA LYS C 12 -8.55 5.76 -8.94
C LYS C 12 -7.63 4.55 -8.81
N ALA C 13 -6.34 4.78 -8.59
CA ALA C 13 -5.37 3.70 -8.43
C ALA C 13 -5.72 2.82 -7.25
N PHE C 14 -6.16 3.43 -6.13
CA PHE C 14 -6.58 2.66 -4.98
C PHE C 14 -7.80 1.81 -5.30
N LEU C 15 -8.77 2.39 -6.02
CA LEU C 15 -9.96 1.63 -6.36
C LEU C 15 -9.58 0.45 -7.25
N GLU C 16 -8.65 0.67 -8.18
CA GLU C 16 -8.21 -0.40 -9.06
C GLU C 16 -7.52 -1.51 -8.30
N ALA C 17 -6.71 -1.15 -7.30
CA ALA C 17 -6.12 -2.17 -6.45
C ALA C 17 -7.20 -2.97 -5.71
N ILE C 18 -8.24 -2.31 -5.22
CA ILE C 18 -9.29 -3.04 -4.52
C ILE C 18 -9.99 -3.97 -5.49
N ALA C 19 -10.28 -3.49 -6.70
CA ALA C 19 -11.02 -4.28 -7.66
C ALA C 19 -10.23 -5.52 -8.08
N ALA C 20 -8.91 -5.36 -8.27
CA ALA C 20 -8.06 -6.48 -8.68
C ALA C 20 -8.01 -7.55 -7.61
N MET C 21 -8.08 -7.15 -6.35
CA MET C 21 -8.12 -8.09 -5.25
C MET C 21 -9.30 -9.02 -5.37
N ALA C 22 -10.44 -8.49 -5.81
CA ALA C 22 -11.64 -9.29 -6.06
C ALA C 22 -11.96 -10.19 -4.87
N GLY C 23 -12.09 -9.55 -3.70
CA GLY C 23 -12.29 -10.29 -2.47
C GLY C 23 -13.75 -10.62 -2.23
N PRO C 24 -14.00 -11.31 -1.13
CA PRO C 24 -15.38 -11.60 -0.73
C PRO C 24 -16.06 -10.35 -0.16
N THR C 25 -17.39 -10.38 -0.15
CA THR C 25 -18.17 -9.36 0.52
C THR C 25 -18.09 -9.56 2.02
N LEU C 26 -18.48 -8.51 2.79
CA LEU C 26 -18.47 -8.65 4.22
C LEU C 26 -19.37 -9.78 4.68
N ALA C 27 -20.52 -9.96 4.02
CA ALA C 27 -21.43 -11.00 4.43
C ALA C 27 -20.86 -12.38 4.19
N GLU C 28 -20.02 -12.53 3.16
CA GLU C 28 -19.41 -13.81 2.82
C GLU C 28 -18.23 -14.18 3.72
N MET C 29 -17.71 -13.26 4.50
CA MET C 29 -16.66 -13.51 5.46
C MET C 29 -17.27 -13.89 6.79
N THR C 30 -16.46 -14.49 7.68
CA THR C 30 -16.90 -14.57 9.04
C THR C 30 -16.89 -13.16 9.64
N LEU C 31 -17.63 -12.98 10.71
CA LEU C 31 -17.67 -11.67 11.35
C LEU C 31 -16.26 -11.20 11.73
N GLU C 32 -15.47 -12.06 12.38
CA GLU C 32 -14.12 -11.64 12.75
C GLU C 32 -13.24 -11.41 11.52
N GLU C 33 -13.48 -12.12 10.42
CA GLU C 33 -12.74 -11.82 9.20
C GLU C 33 -13.12 -10.45 8.65
N ALA C 34 -14.41 -10.09 8.71
CA ALA C 34 -14.83 -8.76 8.30
C ALA C 34 -14.13 -7.70 9.12
N ARG C 35 -14.12 -7.87 10.44
CA ARG C 35 -13.43 -6.92 11.30
C ARG C 35 -11.96 -6.84 10.95
N ALA C 36 -11.32 -7.99 10.72
CA ALA C 36 -9.90 -7.98 10.40
C ALA C 36 -9.63 -7.32 9.06
N SER C 37 -10.54 -7.47 8.10
CA SER C 37 -10.29 -6.88 6.80
C SER C 37 -10.28 -5.35 6.90
N TYR C 38 -11.06 -4.82 7.83
CA TYR C 38 -11.09 -3.36 8.04
C TYR C 38 -9.82 -2.89 8.75
N VAL C 39 -9.37 -3.63 9.76
CA VAL C 39 -8.07 -3.33 10.38
C VAL C 39 -6.99 -3.27 9.33
N ALA C 40 -7.00 -4.24 8.40
CA ALA C 40 -5.94 -4.28 7.38
C ALA C 40 -6.10 -3.17 6.36
N LEU C 41 -7.34 -2.83 6.00
CA LEU C 41 -7.58 -1.76 5.04
C LEU C 41 -6.99 -0.45 5.52
N HIS C 42 -7.38 -0.03 6.72
CA HIS C 42 -6.85 1.21 7.27
C HIS C 42 -5.39 1.04 7.63
N GLY C 43 -5.04 -0.14 8.12
CA GLY C 43 -3.70 -0.34 8.60
C GLY C 43 -2.69 -0.18 7.51
N MET C 44 -3.03 -0.68 6.33
CA MET C 44 -2.14 -0.64 5.19
C MET C 44 -2.32 0.58 4.30
N ALA C 45 -3.37 1.40 4.52
CA ALA C 45 -3.59 2.56 3.67
C ALA C 45 -3.41 3.89 4.39
N ASP C 46 -3.44 3.91 5.71
CA ASP C 46 -3.39 5.22 6.37
C ASP C 46 -1.95 5.59 6.70
N ARG C 47 -1.73 6.90 6.92
CA ARG C 47 -0.45 7.37 7.41
C ARG C 47 -0.18 6.82 8.80
N PRO C 48 1.08 6.78 9.20
CA PRO C 48 1.43 6.36 10.55
C PRO C 48 0.93 7.36 11.59
N ALA C 49 0.84 6.87 12.82
CA ALA C 49 0.44 7.71 13.94
C ALA C 49 1.43 8.84 14.15
N ARG C 50 0.92 9.98 14.60
CA ARG C 50 1.78 11.04 15.09
C ARG C 50 2.32 10.64 16.46
N GLU C 51 3.50 11.19 16.78
CA GLU C 51 4.02 11.08 18.13
C GLU C 51 3.33 12.14 18.98
N LEU C 52 2.84 11.75 20.14
CA LEU C 52 2.13 12.63 21.04
C LEU C 52 2.72 12.48 22.42
N ALA C 53 2.50 13.51 23.24
CA ALA C 53 2.88 13.42 24.65
C ALA C 53 2.07 12.36 25.38
N VAL C 54 0.76 12.28 25.09
CA VAL C 54 -0.13 11.44 25.86
C VAL C 54 -0.95 10.57 24.90
N ILE C 55 -0.81 9.25 25.05
CA ILE C 55 -1.73 8.27 24.47
C ILE C 55 -2.02 7.26 25.57
N ARG C 56 -3.22 7.29 26.10
CA ARG C 56 -3.52 6.58 27.35
C ARG C 56 -4.85 5.87 27.26
N ASN C 57 -4.86 4.58 27.59
CA ASN C 57 -6.11 3.84 27.69
C ASN C 57 -6.74 4.08 29.04
N LEU C 58 -8.06 4.28 29.03
CA LEU C 58 -8.83 4.38 30.26
C LEU C 58 -10.23 3.87 29.98
N SER C 59 -11.14 4.10 30.92
CA SER C 59 -12.50 3.62 30.76
C SER C 59 -13.41 4.49 31.61
N CYS C 60 -14.69 4.45 31.30
CA CYS C 60 -15.68 5.15 32.11
C CYS C 60 -16.88 4.24 32.30
N PRO C 61 -17.72 4.52 33.29
CA PRO C 61 -18.93 3.71 33.48
C PRO C 61 -19.93 3.94 32.35
N GLY C 62 -20.59 2.86 31.96
CA GLY C 62 -21.69 2.92 31.02
C GLY C 62 -22.85 2.07 31.46
N PRO C 63 -23.98 2.16 30.74
CA PRO C 63 -25.18 1.40 31.16
C PRO C 63 -25.04 -0.09 31.10
N ALA C 64 -24.13 -0.62 30.29
CA ALA C 64 -23.94 -2.04 30.17
C ALA C 64 -22.71 -2.53 30.91
N GLY C 65 -21.91 -1.63 31.46
CA GLY C 65 -20.61 -1.95 32.02
C GLY C 65 -19.62 -0.86 31.61
N ASP C 66 -18.34 -1.09 31.87
CA ASP C 66 -17.33 -0.10 31.58
C ASP C 66 -17.16 0.10 30.07
N ILE C 67 -16.89 1.34 29.68
CA ILE C 67 -16.65 1.71 28.28
C ILE C 67 -15.16 1.99 28.12
N PRO C 68 -14.44 1.25 27.28
CA PRO C 68 -13.04 1.58 27.06
C PRO C 68 -12.91 2.85 26.23
N LEU C 69 -11.90 3.63 26.56
CA LEU C 69 -11.61 4.92 25.94
C LEU C 69 -10.11 4.98 25.68
N ARG C 70 -9.72 5.86 24.75
CA ARG C 70 -8.31 6.17 24.54
C ARG C 70 -8.16 7.68 24.45
N LEU C 71 -7.32 8.24 25.33
CA LEU C 71 -7.00 9.66 25.35
C LEU C 71 -5.76 9.95 24.53
N TYR C 72 -5.84 10.96 23.68
CA TYR C 72 -4.74 11.45 22.86
C TYR C 72 -4.53 12.93 23.19
N ASP C 73 -3.30 13.32 23.50
CA ASP C 73 -3.01 14.74 23.70
C ASP C 73 -1.56 15.02 23.34
N ALA C 74 -1.38 16.03 22.49
CA ALA C 74 -0.05 16.55 22.16
C ALA C 74 0.63 17.17 23.37
N ARG C 75 -0.13 17.46 24.42
CA ARG C 75 0.39 18.12 25.61
C ARG C 75 0.22 17.23 26.84
N GLU C 76 1.27 17.20 27.66
CA GLU C 76 1.22 16.47 28.91
C GLU C 76 0.29 17.15 29.90
N SER C 77 0.20 18.46 29.84
CA SER C 77 -0.65 19.22 30.74
C SER C 77 -1.22 20.40 29.96
N ARG C 78 -2.49 20.69 30.21
CA ARG C 78 -3.09 21.80 29.48
C ARG C 78 -4.20 22.40 30.31
N GLU C 79 -4.44 23.68 30.03
CA GLU C 79 -5.50 24.42 30.68
C GLU C 79 -6.87 23.93 30.19
N ALA C 80 -7.91 24.31 30.93
CA ALA C 80 -9.27 24.00 30.53
C ALA C 80 -9.53 24.47 29.10
N GLY C 81 -10.28 23.67 28.36
CA GLY C 81 -10.62 23.99 27.00
C GLY C 81 -11.56 22.92 26.46
N PRO C 82 -11.96 23.04 25.20
CA PRO C 82 -12.84 22.01 24.63
C PRO C 82 -12.11 20.68 24.51
N VAL C 83 -12.88 19.60 24.59
CA VAL C 83 -12.32 18.26 24.45
C VAL C 83 -13.05 17.58 23.30
N ILE C 84 -12.28 16.99 22.40
CA ILE C 84 -12.87 16.29 21.26
C ILE C 84 -13.26 14.89 21.69
N THR C 85 -14.48 14.46 21.32
CA THR C 85 -14.99 13.14 21.69
C THR C 85 -15.28 12.43 20.38
N PHE C 86 -14.49 11.39 20.09
CA PHE C 86 -14.43 10.77 18.77
C PHE C 86 -15.08 9.39 18.77
N TYR C 87 -15.85 9.12 17.72
CA TYR C 87 -16.57 7.86 17.55
C TYR C 87 -16.20 7.31 16.18
N HIS C 88 -15.62 6.10 16.16
CA HIS C 88 -15.09 5.57 14.91
C HIS C 88 -16.19 5.08 13.97
N GLY C 89 -15.82 4.95 12.70
CA GLY C 89 -16.71 4.36 11.72
C GLY C 89 -16.62 2.82 11.69
N GLY C 90 -17.38 2.24 10.76
CA GLY C 90 -17.49 0.80 10.62
C GLY C 90 -18.90 0.23 10.73
N GLY C 91 -19.94 1.03 10.44
CA GLY C 91 -21.30 0.55 10.40
C GLY C 91 -21.93 0.11 11.70
N PHE C 92 -21.30 0.41 12.83
CA PHE C 92 -21.63 -0.05 14.16
C PHE C 92 -21.36 -1.55 14.30
N VAL C 93 -20.63 -2.13 13.36
CA VAL C 93 -20.31 -3.56 13.36
C VAL C 93 -18.81 -3.81 13.44
N ILE C 94 -18.01 -3.04 12.70
CA ILE C 94 -16.57 -3.22 12.65
C ILE C 94 -15.90 -1.93 13.12
N GLY C 95 -14.57 -1.93 13.13
CA GLY C 95 -13.80 -0.83 13.68
C GLY C 95 -13.61 -0.96 15.17
N ASP C 96 -12.61 -0.23 15.67
CA ASP C 96 -12.32 -0.20 17.09
C ASP C 96 -11.34 0.93 17.37
N LEU C 97 -10.66 0.91 18.51
CA LEU C 97 -9.74 2.01 18.82
C LEU C 97 -8.50 1.98 17.94
N ASP C 98 -8.15 0.83 17.39
CA ASP C 98 -6.97 0.75 16.54
C ASP C 98 -7.23 1.10 15.09
N THR C 99 -8.42 0.83 14.57
CA THR C 99 -8.65 1.12 13.16
C THR C 99 -8.59 2.62 12.88
N HIS C 100 -8.84 3.44 13.90
CA HIS C 100 -8.89 4.89 13.72
C HIS C 100 -7.85 5.58 14.58
N HIS C 101 -6.94 4.80 15.17
CA HIS C 101 -5.93 5.34 16.08
C HIS C 101 -5.07 6.40 15.40
N ASN C 102 -4.57 6.10 14.19
CA ASN C 102 -3.66 7.04 13.54
C ASN C 102 -4.37 8.35 13.21
N LEU C 103 -5.59 8.26 12.66
CA LEU C 103 -6.41 9.44 12.45
C LEU C 103 -6.60 10.25 13.72
N CYS C 104 -6.90 9.59 14.84
CA CYS C 104 -7.03 10.33 16.11
C CYS C 104 -5.75 11.05 16.50
N THR C 105 -4.58 10.40 16.35
CA THR C 105 -3.35 11.11 16.69
C THR C 105 -3.18 12.32 15.79
N GLU C 106 -3.63 12.21 14.54
CA GLU C 106 -3.51 13.33 13.61
C GLU C 106 -4.44 14.47 14.02
N ILE C 107 -5.69 14.14 14.38
CA ILE C 107 -6.61 15.19 14.86
C ILE C 107 -6.02 15.87 16.09
N ALA C 108 -5.52 15.08 17.04
CA ALA C 108 -4.94 15.66 18.25
C ALA C 108 -3.77 16.58 17.91
N ALA C 109 -2.90 16.14 17.01
CA ALA C 109 -1.71 16.94 16.70
C ALA C 109 -2.08 18.21 15.97
N LEU C 110 -2.99 18.12 15.00
CA LEU C 110 -3.31 19.28 14.18
C LEU C 110 -4.24 20.26 14.90
N MET C 111 -5.12 19.79 15.77
CA MET C 111 -5.99 20.69 16.50
C MET C 111 -5.35 21.24 17.77
N ASP C 112 -4.33 20.56 18.30
CA ASP C 112 -3.79 20.89 19.62
C ASP C 112 -4.94 20.97 20.64
N LEU C 113 -5.77 19.93 20.64
CA LEU C 113 -6.80 19.71 21.66
C LEU C 113 -6.76 18.23 22.03
N PRO C 114 -7.17 17.88 23.22
CA PRO C 114 -7.23 16.46 23.60
C PRO C 114 -8.37 15.79 22.85
N VAL C 115 -8.14 14.54 22.51
CA VAL C 115 -9.11 13.70 21.81
C VAL C 115 -9.34 12.46 22.67
N VAL C 116 -10.62 12.16 22.95
CA VAL C 116 -11.00 10.93 23.63
C VAL C 116 -11.81 10.10 22.64
N ALA C 117 -11.25 8.98 22.21
CA ALA C 117 -11.96 8.03 21.36
C ALA C 117 -12.67 6.98 22.19
N VAL C 118 -13.84 6.55 21.70
CA VAL C 118 -14.76 5.69 22.43
C VAL C 118 -14.80 4.31 21.79
N ASP C 119 -14.55 3.27 22.58
CA ASP C 119 -14.63 1.89 22.10
C ASP C 119 -16.04 1.38 22.41
N TYR C 120 -17.02 1.86 21.64
CA TYR C 120 -18.42 1.57 21.92
C TYR C 120 -18.77 0.13 21.54
N ARG C 121 -19.82 -0.38 22.18
CA ARG C 121 -20.27 -1.73 21.89
C ARG C 121 -20.77 -1.85 20.45
N LEU C 122 -20.45 -2.99 19.83
CA LEU C 122 -20.73 -3.23 18.44
C LEU C 122 -21.83 -4.26 18.22
N ALA C 123 -22.52 -4.10 17.11
CA ALA C 123 -23.41 -5.11 16.57
C ALA C 123 -22.61 -6.13 15.77
N PRO C 124 -23.19 -7.31 15.50
CA PRO C 124 -24.53 -7.80 15.87
C PRO C 124 -24.66 -8.21 17.33
N GLU C 125 -23.53 -8.33 18.06
CA GLU C 125 -23.59 -8.78 19.44
C GLU C 125 -24.45 -7.83 20.29
N HIS C 126 -24.34 -6.53 20.04
CA HIS C 126 -25.05 -5.49 20.77
C HIS C 126 -25.77 -4.64 19.72
N PRO C 127 -27.04 -4.90 19.46
CA PRO C 127 -27.73 -4.14 18.42
C PRO C 127 -28.06 -2.73 18.88
N PHE C 128 -28.55 -1.96 17.93
CA PHE C 128 -29.06 -0.62 18.22
C PHE C 128 -29.92 -0.63 19.48
N PRO C 129 -29.80 0.38 20.37
CA PRO C 129 -28.91 1.55 20.32
C PRO C 129 -27.63 1.44 21.15
N ALA C 130 -27.07 0.24 21.28
CA ALA C 130 -25.92 0.08 22.18
C ALA C 130 -24.79 1.06 21.85
N ALA C 131 -24.41 1.17 20.57
CA ALA C 131 -23.34 2.10 20.21
C ALA C 131 -23.65 3.51 20.69
N ILE C 132 -24.88 3.95 20.46
CA ILE C 132 -25.30 5.29 20.86
C ILE C 132 -25.25 5.45 22.38
N GLU C 133 -25.70 4.43 23.11
CA GLU C 133 -25.64 4.48 24.57
C GLU C 133 -24.22 4.75 25.04
N ASP C 134 -23.25 4.03 24.49
CA ASP C 134 -21.87 4.18 24.94
C ASP C 134 -21.29 5.50 24.48
N CYS C 135 -21.57 5.91 23.23
CA CYS C 135 -21.06 7.21 22.78
C CYS C 135 -21.60 8.34 23.65
N GLU C 136 -22.90 8.31 23.93
CA GLU C 136 -23.49 9.35 24.79
C GLU C 136 -22.88 9.32 26.19
N ALA C 137 -22.78 8.14 26.81
CA ALA C 137 -22.28 8.05 28.18
C ALA C 137 -20.84 8.55 28.28
N ALA C 138 -19.99 8.13 27.34
CA ALA C 138 -18.60 8.58 27.34
C ALA C 138 -18.50 10.09 27.14
N THR C 139 -19.35 10.64 26.27
CA THR C 139 -19.27 12.08 26.02
C THR C 139 -19.72 12.86 27.25
N ARG C 140 -20.79 12.41 27.91
CA ARG C 140 -21.21 13.04 29.17
C ARG C 140 -20.13 12.91 30.22
N TRP C 141 -19.45 11.76 30.28
CA TRP C 141 -18.39 11.56 31.27
C TRP C 141 -17.25 12.53 31.03
N VAL C 142 -16.78 12.64 29.79
CA VAL C 142 -15.72 13.61 29.47
C VAL C 142 -16.17 15.01 29.85
N ALA C 143 -17.41 15.35 29.51
CA ALA C 143 -17.91 16.69 29.78
C ALA C 143 -17.97 17.01 31.27
N SER C 144 -17.86 16.00 32.13
CA SER C 144 -17.88 16.19 33.58
C SER C 144 -16.50 16.47 34.17
N SER C 145 -15.48 16.54 33.33
CA SER C 145 -14.10 16.74 33.75
C SER C 145 -13.70 15.82 34.88
N PRO C 146 -13.73 14.51 34.66
CA PRO C 146 -13.37 13.58 35.73
C PRO C 146 -11.87 13.61 35.98
N SER C 147 -11.48 13.31 37.21
CA SER C 147 -10.07 13.41 37.57
C SER C 147 -9.23 12.46 36.70
N GLU C 148 -9.77 11.30 36.35
CA GLU C 148 -9.01 10.33 35.57
C GLU C 148 -8.63 10.85 34.19
N LEU C 149 -9.36 11.83 33.66
CA LEU C 149 -9.01 12.37 32.35
C LEU C 149 -7.83 13.31 32.42
N GLY C 150 -7.66 14.03 33.53
CA GLY C 150 -6.54 14.91 33.67
C GLY C 150 -6.62 16.17 32.84
N ARG C 151 -7.75 16.41 32.20
CA ARG C 151 -8.00 17.63 31.45
C ARG C 151 -9.35 18.15 31.88
N THR C 152 -9.49 19.45 32.00
CA THR C 152 -10.78 20.04 32.29
C THR C 152 -11.44 20.44 30.98
N ALA C 153 -12.73 20.12 30.86
CA ALA C 153 -13.49 20.38 29.66
C ALA C 153 -14.38 21.61 29.89
N SER C 154 -14.21 22.61 29.04
CA SER C 154 -15.12 23.74 28.96
C SER C 154 -16.24 23.50 27.97
N GLY C 155 -16.12 22.47 27.14
CA GLY C 155 -17.10 22.16 26.12
C GLY C 155 -16.64 20.86 25.49
N VAL C 156 -17.52 20.24 24.72
CA VAL C 156 -17.13 19.02 24.02
C VAL C 156 -17.40 19.17 22.53
N ILE C 157 -16.63 18.42 21.74
CA ILE C 157 -16.66 18.48 20.28
C ILE C 157 -16.87 17.05 19.79
N PRO C 158 -18.12 16.63 19.57
CA PRO C 158 -18.35 15.30 18.99
C PRO C 158 -17.88 15.28 17.54
N ILE C 159 -17.22 14.19 17.18
CA ILE C 159 -16.68 14.03 15.83
C ILE C 159 -16.65 12.55 15.53
N GLY C 160 -16.92 12.19 14.29
CA GLY C 160 -16.79 10.78 13.94
C GLY C 160 -17.07 10.61 12.48
N ASP C 161 -16.61 9.47 11.96
CA ASP C 161 -16.74 9.14 10.55
C ASP C 161 -17.79 8.05 10.32
N SER C 162 -18.61 8.17 9.28
CA SER C 162 -19.56 7.12 8.85
C SER C 162 -20.54 6.80 10.00
N ALA C 163 -20.65 5.60 10.55
CA ALA C 163 -21.51 5.38 11.71
C ALA C 163 -21.11 6.34 12.82
N GLY C 164 -19.84 6.70 12.92
CA GLY C 164 -19.41 7.62 13.95
C GLY C 164 -19.91 9.03 13.71
N GLY C 165 -20.17 9.35 12.45
CA GLY C 165 -20.83 10.60 12.11
C GLY C 165 -22.31 10.58 12.44
N ASN C 166 -22.96 9.44 12.25
CA ASN C 166 -24.29 9.21 12.81
C ASN C 166 -24.28 9.41 14.33
N ALA C 167 -23.34 8.77 15.04
CA ALA C 167 -23.27 8.90 16.50
C ALA C 167 -23.04 10.34 16.91
N THR C 168 -22.18 11.06 16.17
CA THR C 168 -21.91 12.47 16.43
C THR C 168 -23.20 13.29 16.50
N ILE C 169 -24.07 13.12 15.50
CA ILE C 169 -25.31 13.92 15.44
C ILE C 169 -26.28 13.48 16.55
N VAL C 170 -26.41 12.16 16.74
CA VAL C 170 -27.29 11.66 17.79
C VAL C 170 -26.83 12.16 19.16
N VAL C 171 -25.53 12.07 19.45
CA VAL C 171 -25.00 12.56 20.72
C VAL C 171 -25.32 14.04 20.88
N SER C 172 -25.12 14.83 19.83
CA SER C 172 -25.40 16.27 19.95
C SER C 172 -26.88 16.52 20.20
N GLN C 173 -27.75 15.72 19.56
CA GLN C 173 -29.18 15.85 19.83
C GLN C 173 -29.55 15.43 21.24
N LEU C 174 -28.95 14.34 21.74
CA LEU C 174 -29.26 13.86 23.09
C LEU C 174 -28.78 14.85 24.15
N LEU C 175 -27.59 15.40 23.96
CA LEU C 175 -27.06 16.39 24.90
C LEU C 175 -27.78 17.73 24.76
N GLY C 176 -28.26 18.04 23.56
CA GLY C 176 -29.08 19.23 23.41
C GLY C 176 -30.35 19.13 24.23
N ALA C 177 -30.98 17.95 24.23
CA ALA C 177 -32.23 17.75 24.96
C ALA C 177 -32.01 17.66 26.46
N LYS C 178 -30.93 17.02 26.90
CA LYS C 178 -30.60 16.88 28.32
C LYS C 178 -29.13 17.22 28.48
N PRO C 179 -28.80 18.47 28.80
CA PRO C 179 -27.41 18.92 28.70
C PRO C 179 -26.49 18.15 29.63
N ALA C 180 -25.24 18.03 29.22
CA ALA C 180 -24.18 17.53 30.06
C ALA C 180 -23.63 18.71 30.87
N ASP C 181 -22.53 18.49 31.60
CA ASP C 181 -21.99 19.55 32.45
C ASP C 181 -21.48 20.75 31.65
N VAL C 182 -21.09 20.55 30.39
CA VAL C 182 -20.70 21.63 29.49
C VAL C 182 -21.36 21.39 28.14
N PRO C 183 -21.46 22.42 27.30
CA PRO C 183 -22.20 22.27 26.05
C PRO C 183 -21.37 21.60 24.98
N VAL C 184 -22.10 21.09 23.98
CA VAL C 184 -21.50 20.78 22.68
C VAL C 184 -21.20 22.10 21.99
N VAL C 185 -19.92 22.40 21.78
CA VAL C 185 -19.55 23.70 21.17
C VAL C 185 -19.41 23.60 19.67
N LEU C 186 -19.25 22.38 19.14
CA LEU C 186 -19.06 22.17 17.71
C LEU C 186 -19.30 20.68 17.49
N GLN C 187 -19.96 20.30 16.40
CA GLN C 187 -19.99 18.88 16.04
C GLN C 187 -19.44 18.72 14.62
N VAL C 188 -18.83 17.56 14.36
CA VAL C 188 -18.16 17.36 13.09
C VAL C 188 -18.52 15.98 12.55
N PRO C 189 -19.70 15.80 11.96
CA PRO C 189 -20.05 14.51 11.34
C PRO C 189 -19.39 14.41 9.98
N ILE C 190 -18.58 13.37 9.82
CA ILE C 190 -17.79 13.15 8.61
C ILE C 190 -18.41 11.95 7.90
N PHE C 191 -18.71 12.14 6.60
CA PHE C 191 -19.54 11.26 5.78
C PHE C 191 -20.54 10.48 6.64
N PRO C 192 -21.44 11.21 7.33
CA PRO C 192 -22.39 10.56 8.23
C PRO C 192 -23.55 9.88 7.52
N LEU C 193 -24.11 8.90 8.22
CA LEU C 193 -25.45 8.39 7.89
C LEU C 193 -26.45 9.15 8.77
N ALA C 194 -27.18 10.11 8.18
CA ALA C 194 -28.16 10.90 8.91
C ALA C 194 -29.59 10.57 8.52
N SER C 195 -29.88 10.53 7.22
CA SER C 195 -31.11 9.99 6.70
C SER C 195 -30.85 8.61 6.10
N ASP C 196 -31.91 7.81 6.04
CA ASP C 196 -31.87 6.50 5.39
C ASP C 196 -31.40 6.66 3.94
N ALA C 197 -30.35 5.92 3.58
CA ALA C 197 -29.80 6.03 2.23
C ALA C 197 -30.61 5.26 1.19
N VAL C 198 -31.49 4.37 1.62
CA VAL C 198 -32.29 3.62 0.67
C VAL C 198 -33.10 4.58 -0.17
N GLY C 199 -33.01 4.43 -1.48
CA GLY C 199 -33.73 5.28 -2.39
C GLY C 199 -32.98 6.51 -2.85
N SER C 200 -31.85 6.85 -2.21
CA SER C 200 -31.08 8.02 -2.63
C SER C 200 -30.39 7.78 -3.97
N ALA C 201 -30.19 8.87 -4.71
CA ALA C 201 -29.47 8.78 -5.97
C ALA C 201 -28.01 8.36 -5.77
N SER C 202 -27.37 8.81 -4.67
CA SER C 202 -25.96 8.46 -4.49
C SER C 202 -25.78 6.98 -4.25
N LEU C 203 -26.73 6.36 -3.54
CA LEU C 203 -26.64 4.94 -3.25
C LEU C 203 -26.64 4.12 -4.54
N GLU C 204 -27.50 4.49 -5.49
CA GLU C 204 -27.53 3.77 -6.76
C GLU C 204 -26.30 4.07 -7.61
N ALA C 205 -25.89 5.34 -7.64
CA ALA C 205 -24.76 5.73 -8.48
C ALA C 205 -23.47 5.07 -8.02
N PHE C 206 -23.28 4.90 -6.71
CA PHE C 206 -22.02 4.42 -6.17
C PHE C 206 -22.18 3.12 -5.41
N ALA C 207 -23.12 2.29 -5.85
CA ALA C 207 -23.45 1.04 -5.14
C ALA C 207 -22.29 0.07 -5.15
N GLU C 208 -21.46 0.07 -6.19
CA GLU C 208 -20.30 -0.80 -6.28
C GLU C 208 -19.08 -0.03 -6.75
N GLY C 209 -17.92 -0.44 -6.25
CA GLY C 209 -16.65 0.02 -6.79
C GLY C 209 -16.06 1.23 -6.11
N PHE C 210 -16.66 1.70 -5.03
CA PHE C 210 -16.20 2.93 -4.36
C PHE C 210 -15.92 2.71 -2.87
N VAL C 211 -15.29 1.61 -2.51
CA VAL C 211 -14.85 1.20 -1.14
C VAL C 211 -16.08 0.80 -0.31
N LEU C 212 -16.94 1.74 0.05
CA LEU C 212 -18.18 1.44 0.75
C LEU C 212 -19.17 1.05 -0.33
N THR C 213 -19.75 -0.12 -0.19
CA THR C 213 -20.69 -0.64 -1.15
C THR C 213 -22.09 -0.76 -0.55
N LYS C 214 -23.08 -0.79 -1.44
CA LYS C 214 -24.45 -1.06 -1.03
C LYS C 214 -24.55 -2.37 -0.26
N ALA C 215 -23.82 -3.40 -0.70
CA ALA C 215 -23.89 -4.68 0.02
C ALA C 215 -23.41 -4.53 1.47
N SER C 216 -22.32 -3.79 1.68
CA SER C 216 -21.81 -3.57 3.03
C SER C 216 -22.82 -2.78 3.85
N ILE C 217 -23.37 -1.71 3.27
CA ILE C 217 -24.40 -0.95 3.97
C ILE C 217 -25.51 -1.87 4.45
N GLU C 218 -25.94 -2.82 3.59
CA GLU C 218 -27.01 -3.74 3.94
C GLU C 218 -26.57 -4.71 5.03
N PHE C 219 -25.31 -5.19 4.96
CA PHE C 219 -24.77 -6.06 5.99
C PHE C 219 -24.77 -5.37 7.35
N PHE C 220 -24.31 -4.12 7.39
CA PHE C 220 -24.31 -3.36 8.64
C PHE C 220 -25.72 -3.18 9.19
N ASP C 221 -26.66 -2.81 8.31
CA ASP C 221 -28.04 -2.56 8.72
C ASP C 221 -28.68 -3.80 9.32
N THR C 222 -28.44 -4.96 8.70
CA THR C 222 -28.99 -6.19 9.25
C THR C 222 -28.42 -6.51 10.62
N ALA C 223 -27.14 -6.17 10.87
CA ALA C 223 -26.56 -6.45 12.17
C ALA C 223 -27.02 -5.48 13.24
N TYR C 224 -27.09 -4.18 12.90
CA TYR C 224 -27.37 -3.15 13.90
C TYR C 224 -28.85 -3.03 14.24
N LYS C 225 -29.73 -3.16 13.24
CA LYS C 225 -31.18 -3.20 13.45
C LYS C 225 -31.73 -1.87 13.98
N ALA C 226 -31.25 -0.76 13.43
CA ALA C 226 -31.81 0.54 13.80
C ALA C 226 -33.25 0.65 13.34
N ASP C 227 -34.07 1.23 14.20
CA ASP C 227 -35.48 1.50 13.92
C ASP C 227 -35.60 2.71 13.00
N ARG C 228 -36.24 2.51 11.84
CA ARG C 228 -36.36 3.54 10.83
C ARG C 228 -37.10 4.78 11.32
N ALA C 229 -37.87 4.65 12.40
CA ALA C 229 -38.67 5.74 12.93
C ALA C 229 -38.00 6.43 14.11
N ASP C 230 -36.84 5.95 14.55
CA ASP C 230 -36.22 6.38 15.79
C ASP C 230 -35.14 7.39 15.45
N PRO C 231 -35.20 8.63 15.95
CA PRO C 231 -34.15 9.61 15.61
C PRO C 231 -32.78 9.23 16.14
N ARG C 232 -32.69 8.28 17.08
CA ARG C 232 -31.38 7.78 17.49
C ARG C 232 -30.78 6.88 16.43
N GLY C 233 -31.59 6.38 15.51
CA GLY C 233 -31.14 5.58 14.41
C GLY C 233 -30.88 6.46 13.20
N PHE C 234 -31.78 7.42 12.95
CA PHE C 234 -31.74 8.24 11.75
C PHE C 234 -31.97 9.67 12.19
N PRO C 235 -30.90 10.37 12.58
CA PRO C 235 -31.09 11.67 13.25
C PRO C 235 -31.57 12.79 12.35
N ILE C 236 -31.72 12.56 11.05
CA ILE C 236 -32.44 13.54 10.23
C ILE C 236 -33.84 13.77 10.81
N LEU C 237 -34.37 12.77 11.53
CA LEU C 237 -35.70 12.86 12.12
C LEU C 237 -35.75 13.69 13.38
N GLY C 238 -34.60 14.07 13.93
CA GLY C 238 -34.57 14.74 15.20
C GLY C 238 -34.85 16.24 15.04
N ASP C 239 -34.84 16.92 16.17
CA ASP C 239 -35.12 18.36 16.23
C ASP C 239 -33.85 19.15 15.97
N HIS C 240 -33.82 19.89 14.86
CA HIS C 240 -32.62 20.60 14.44
C HIS C 240 -32.59 22.05 14.92
N THR C 241 -33.62 22.48 15.66
CA THR C 241 -33.78 23.92 15.86
C THR C 241 -32.74 24.49 16.81
N ALA C 242 -32.11 23.67 17.63
CA ALA C 242 -31.01 24.15 18.47
C ALA C 242 -29.71 23.40 18.19
N ALA C 243 -29.53 22.88 16.98
CA ALA C 243 -28.31 22.14 16.70
C ALA C 243 -27.09 23.02 16.93
N PRO C 244 -26.01 22.46 17.47
CA PRO C 244 -24.80 23.25 17.71
C PRO C 244 -24.13 23.59 16.39
N PRO C 245 -23.17 24.53 16.40
CA PRO C 245 -22.38 24.79 15.20
C PRO C 245 -21.86 23.47 14.64
N THR C 246 -21.93 23.35 13.31
CA THR C 246 -21.70 22.05 12.65
C THR C 246 -20.77 22.19 11.45
N ILE C 247 -19.91 21.18 11.29
CA ILE C 247 -19.17 20.97 10.04
C ILE C 247 -19.59 19.59 9.55
N VAL C 248 -20.19 19.54 8.36
CA VAL C 248 -20.54 18.29 7.68
C VAL C 248 -19.56 18.13 6.53
N ALA C 249 -18.83 17.01 6.51
CA ALA C 249 -17.90 16.73 5.43
C ALA C 249 -18.38 15.47 4.75
N THR C 250 -18.49 15.51 3.43
CA THR C 250 -18.94 14.35 2.66
C THR C 250 -17.89 14.07 1.59
N ALA C 251 -18.09 12.97 0.88
CA ALA C 251 -17.27 12.64 -0.29
C ALA C 251 -18.14 12.54 -1.53
N SER C 252 -17.64 13.06 -2.66
CA SER C 252 -18.47 13.14 -3.85
C SER C 252 -18.82 11.78 -4.42
N LEU C 253 -18.01 10.76 -4.12
CA LEU C 253 -18.20 9.41 -4.67
C LEU C 253 -18.81 8.45 -3.65
N ASP C 254 -19.53 8.95 -2.68
CA ASP C 254 -19.96 8.17 -1.55
C ASP C 254 -21.40 7.72 -1.76
N PRO C 255 -21.73 6.42 -1.68
CA PRO C 255 -23.14 6.05 -1.80
C PRO C 255 -24.03 6.71 -0.75
N ILE C 256 -23.49 7.13 0.39
CA ILE C 256 -24.31 7.83 1.39
C ILE C 256 -24.01 9.33 1.40
N ARG C 257 -23.40 9.84 0.35
CA ARG C 257 -23.21 11.27 0.20
C ARG C 257 -24.50 12.05 0.42
N ASP C 258 -25.59 11.60 -0.22
CA ASP C 258 -26.82 12.38 -0.19
C ASP C 258 -27.40 12.44 1.22
N SER C 259 -27.10 11.46 2.08
CA SER C 259 -27.48 11.52 3.48
C SER C 259 -26.82 12.72 4.18
N GLY C 260 -25.54 12.96 3.88
CA GLY C 260 -24.86 14.12 4.44
C GLY C 260 -25.38 15.43 3.86
N ARG C 261 -25.60 15.48 2.54
CA ARG C 261 -26.26 16.63 1.94
C ARG C 261 -27.60 16.93 2.61
N ASP C 262 -28.40 15.88 2.86
CA ASP C 262 -29.71 16.08 3.48
C ASP C 262 -29.58 16.72 4.85
N TYR C 263 -28.60 16.26 5.63
CA TYR C 263 -28.47 16.78 6.97
C TYR C 263 -28.06 18.25 6.95
N ALA C 264 -27.09 18.59 6.10
CA ALA C 264 -26.66 20.00 6.02
C ALA C 264 -27.83 20.88 5.56
N LYS C 265 -28.61 20.41 4.59
CA LYS C 265 -29.77 21.18 4.15
C LYS C 265 -30.78 21.36 5.28
N ALA C 266 -30.96 20.34 6.12
CA ALA C 266 -31.89 20.45 7.23
C ALA C 266 -31.38 21.46 8.25
N LEU C 267 -30.07 21.53 8.46
CA LEU C 267 -29.55 22.53 9.39
C LEU C 267 -29.78 23.96 8.84
N VAL C 268 -29.56 24.17 7.53
CA VAL C 268 -29.81 25.48 6.94
C VAL C 268 -31.30 25.83 7.04
N GLU C 269 -32.17 24.87 6.70
CA GLU C 269 -33.60 25.04 6.84
C GLU C 269 -34.01 25.47 8.25
N ALA C 270 -33.32 24.99 9.27
CA ALA C 270 -33.61 25.35 10.64
C ALA C 270 -32.86 26.60 11.12
N GLY C 271 -32.09 27.25 10.25
CA GLY C 271 -31.37 28.46 10.59
C GLY C 271 -30.10 28.26 11.39
N ARG C 272 -29.47 27.09 11.30
CA ARG C 272 -28.31 26.78 12.12
C ARG C 272 -27.03 27.00 11.32
N ASP C 273 -25.94 27.34 12.02
CA ASP C 273 -24.69 27.62 11.35
C ASP C 273 -24.07 26.31 10.93
N VAL C 274 -23.66 26.21 9.68
CA VAL C 274 -23.08 24.96 9.19
C VAL C 274 -22.09 25.23 8.07
N VAL C 275 -20.97 24.49 8.11
CA VAL C 275 -19.98 24.43 7.04
C VAL C 275 -20.22 23.08 6.34
N TYR C 276 -20.53 23.14 5.07
CA TYR C 276 -20.71 21.96 4.24
C TYR C 276 -19.52 21.85 3.29
N LEU C 277 -18.74 20.78 3.44
CA LEU C 277 -17.58 20.52 2.59
C LEU C 277 -17.79 19.16 1.91
N GLU C 278 -17.77 19.15 0.60
CA GLU C 278 -17.94 17.90 -0.16
C GLU C 278 -16.64 17.69 -0.93
N MET C 279 -15.85 16.70 -0.51
CA MET C 279 -14.52 16.51 -1.07
C MET C 279 -14.66 15.86 -2.44
N GLU C 280 -14.03 16.46 -3.45
CA GLU C 280 -14.31 16.12 -4.83
C GLU C 280 -13.35 15.04 -5.34
N GLY C 281 -13.92 13.97 -5.86
CA GLY C 281 -13.13 12.93 -6.49
C GLY C 281 -12.55 11.89 -5.57
N VAL C 282 -13.02 11.81 -4.31
CA VAL C 282 -12.61 10.80 -3.37
C VAL C 282 -13.85 10.10 -2.82
N THR C 283 -13.62 8.98 -2.15
CA THR C 283 -14.65 8.09 -1.66
C THR C 283 -14.93 8.27 -0.19
N HIS C 284 -16.01 7.63 0.27
CA HIS C 284 -16.18 7.31 1.67
C HIS C 284 -14.87 6.81 2.26
N GLY C 285 -14.62 7.15 3.51
CA GLY C 285 -13.45 6.70 4.23
C GLY C 285 -12.16 7.42 3.95
N PHE C 286 -12.21 8.59 3.30
CA PHE C 286 -10.99 9.25 2.90
C PHE C 286 -10.12 9.66 4.08
N THR C 287 -10.70 9.78 5.28
CA THR C 287 -9.89 10.18 6.43
C THR C 287 -8.87 9.13 6.85
N ASN C 288 -9.00 7.89 6.39
CA ASN C 288 -8.16 6.81 6.90
C ASN C 288 -7.35 6.12 5.80
N ILE C 289 -7.21 6.77 4.65
CA ILE C 289 -6.44 6.21 3.55
C ILE C 289 -5.39 7.22 3.11
N ARG C 290 -4.86 7.96 4.09
CA ARG C 290 -4.06 9.13 3.74
C ARG C 290 -2.64 8.80 3.23
N ALA C 291 -2.17 7.54 3.39
CA ALA C 291 -0.91 7.15 2.75
C ALA C 291 -1.13 6.59 1.35
N ALA C 292 -2.12 5.73 1.19
CA ALA C 292 -2.35 5.11 -0.11
C ALA C 292 -2.95 6.10 -1.10
N VAL C 293 -3.67 7.10 -0.62
CA VAL C 293 -4.23 8.14 -1.48
C VAL C 293 -3.77 9.47 -0.90
N PRO C 294 -2.55 9.91 -1.20
CA PRO C 294 -1.96 11.02 -0.44
C PRO C 294 -2.75 12.31 -0.48
N SER C 295 -3.55 12.53 -1.51
CA SER C 295 -4.30 13.77 -1.56
C SER C 295 -5.37 13.86 -0.46
N THR C 296 -5.77 12.74 0.13
CA THR C 296 -6.78 12.80 1.18
C THR C 296 -6.26 13.43 2.47
N GLN C 297 -4.95 13.49 2.67
CA GLN C 297 -4.41 14.26 3.79
C GLN C 297 -4.86 15.72 3.71
N GLY C 298 -4.85 16.30 2.51
CA GLY C 298 -5.32 17.66 2.34
C GLY C 298 -6.80 17.83 2.63
N ASP C 299 -7.60 16.80 2.30
CA ASP C 299 -9.02 16.80 2.66
C ASP C 299 -9.19 16.89 4.16
N LEU C 300 -8.47 16.05 4.91
CA LEU C 300 -8.54 16.13 6.37
C LEU C 300 -8.11 17.51 6.85
N GLU C 301 -7.05 18.06 6.29
CA GLU C 301 -6.55 19.37 6.74
C GLU C 301 -7.58 20.47 6.52
N ARG C 302 -8.41 20.36 5.48
CA ARG C 302 -9.49 21.33 5.28
C ARG C 302 -10.55 21.23 6.38
N ILE C 303 -10.90 20.00 6.79
CA ILE C 303 -11.79 19.83 7.93
C ILE C 303 -11.19 20.48 9.18
N ILE C 304 -9.90 20.23 9.41
CA ILE C 304 -9.21 20.79 10.56
C ILE C 304 -9.28 22.33 10.53
N ALA C 305 -9.03 22.91 9.36
CA ALA C 305 -9.10 24.38 9.24
C ALA C 305 -10.51 24.91 9.53
N ALA C 306 -11.54 24.22 9.02
CA ALA C 306 -12.92 24.63 9.32
C ALA C 306 -13.21 24.51 10.81
N MET C 307 -12.69 23.45 11.46
CA MET C 307 -12.91 23.30 12.89
C MET C 307 -12.30 24.47 13.67
N LYS C 308 -11.07 24.84 13.34
CA LYS C 308 -10.43 25.96 14.04
C LYS C 308 -11.24 27.24 13.85
N MET C 309 -11.73 27.46 12.65
CA MET C 309 -12.51 28.67 12.38
C MET C 309 -13.81 28.66 13.18
N MET C 310 -14.51 27.54 13.22
CA MET C 310 -15.82 27.46 13.91
C MET C 310 -15.65 27.52 15.42
N LEU C 311 -14.48 27.25 15.95
CA LEU C 311 -14.23 27.32 17.40
C LEU C 311 -13.70 28.68 17.80
N GLY C 312 -13.36 29.56 16.87
CA GLY C 312 -12.65 30.82 17.18
C GLY C 312 -11.22 30.40 17.40
N THR C 313 -10.66 29.84 16.33
CA THR C 313 -9.37 29.07 16.17
C THR C 313 -9.37 27.87 17.12
N ALA C 314 -8.62 27.82 18.21
CA ALA C 314 -8.64 26.58 19.04
C ALA C 314 -8.59 25.34 18.13
N THR D 4 -42.44 35.17 20.67
CA THR D 4 -41.72 36.25 20.00
C THR D 4 -40.34 35.76 19.57
N PRO D 5 -39.91 36.12 18.36
CA PRO D 5 -38.56 35.73 17.92
C PRO D 5 -37.48 36.41 18.74
N PHE D 6 -36.36 35.72 18.89
CA PHE D 6 -35.26 36.26 19.67
C PHE D 6 -34.68 37.52 19.02
N ILE D 7 -34.48 38.55 19.84
CA ILE D 7 -33.86 39.79 19.40
C ILE D 7 -32.82 40.18 20.43
N ARG D 8 -31.62 40.56 19.97
CA ARG D 8 -30.62 41.01 20.91
C ARG D 8 -31.08 42.32 21.57
N PRO D 9 -30.72 42.54 22.84
CA PRO D 9 -31.08 43.82 23.49
C PRO D 9 -30.57 45.03 22.75
N ASP D 10 -29.32 45.03 22.26
CA ASP D 10 -28.83 46.20 21.54
C ASP D 10 -29.58 46.38 20.23
N MET D 11 -29.88 45.28 19.52
CA MET D 11 -30.69 45.38 18.31
C MET D 11 -32.09 45.91 18.62
N LYS D 12 -32.68 45.42 19.71
CA LYS D 12 -34.04 45.81 20.10
C LYS D 12 -34.12 47.32 20.30
N ALA D 13 -33.16 47.87 21.03
CA ALA D 13 -33.16 49.31 21.30
C ALA D 13 -33.04 50.14 20.05
N PHE D 14 -32.25 49.67 19.08
CA PHE D 14 -32.14 50.38 17.81
C PHE D 14 -33.45 50.34 17.05
N LEU D 15 -34.14 49.20 17.05
CA LEU D 15 -35.46 49.16 16.43
C LEU D 15 -36.42 50.10 17.15
N GLU D 16 -36.35 50.14 18.47
CA GLU D 16 -37.23 51.04 19.22
C GLU D 16 -36.91 52.48 18.88
N ALA D 17 -35.61 52.81 18.75
CA ALA D 17 -35.22 54.18 18.41
C ALA D 17 -35.72 54.56 17.03
N ILE D 18 -35.59 53.65 16.05
CA ILE D 18 -36.12 53.90 14.73
C ILE D 18 -37.62 54.15 14.79
N ALA D 19 -38.34 53.32 15.56
CA ALA D 19 -39.79 53.48 15.69
C ALA D 19 -40.14 54.82 16.31
N ALA D 20 -39.39 55.24 17.33
CA ALA D 20 -39.65 56.52 17.98
C ALA D 20 -39.37 57.70 17.06
N MET D 21 -38.39 57.57 16.17
CA MET D 21 -38.08 58.65 15.24
C MET D 21 -39.16 58.76 14.17
N ALA D 22 -39.80 57.64 13.84
CA ALA D 22 -40.98 57.59 12.98
C ALA D 22 -40.80 58.39 11.68
N GLY D 23 -39.75 58.05 10.94
CA GLY D 23 -39.57 58.60 9.62
C GLY D 23 -40.57 58.10 8.63
N PRO D 24 -40.57 58.66 7.42
CA PRO D 24 -41.53 58.26 6.39
C PRO D 24 -41.07 57.01 5.64
N THR D 25 -42.01 56.41 4.92
CA THR D 25 -41.69 55.27 4.08
C THR D 25 -40.95 55.73 2.83
N LEU D 26 -40.41 54.75 2.08
CA LEU D 26 -39.77 55.06 0.82
C LEU D 26 -40.77 55.56 -0.21
N ALA D 27 -42.03 55.14 -0.10
CA ALA D 27 -43.06 55.63 -0.99
C ALA D 27 -43.38 57.08 -0.70
N GLU D 28 -43.37 57.47 0.57
CA GLU D 28 -43.66 58.84 1.00
C GLU D 28 -42.51 59.80 0.76
N MET D 29 -41.37 59.32 0.28
CA MET D 29 -40.21 60.16 0.04
C MET D 29 -39.97 60.32 -1.46
N THR D 30 -39.25 61.38 -1.79
CA THR D 30 -38.70 61.51 -3.13
C THR D 30 -37.49 60.60 -3.26
N LEU D 31 -37.14 60.26 -4.49
CA LEU D 31 -35.93 59.48 -4.72
C LEU D 31 -34.74 60.12 -4.00
N GLU D 32 -34.49 61.41 -4.26
CA GLU D 32 -33.34 62.05 -3.67
C GLU D 32 -33.39 61.99 -2.15
N GLU D 33 -34.58 62.12 -1.56
CA GLU D 33 -34.70 62.05 -0.11
C GLU D 33 -34.46 60.63 0.39
N ALA D 34 -35.00 59.64 -0.30
CA ALA D 34 -34.78 58.25 0.09
C ALA D 34 -33.30 57.90 0.05
N ARG D 35 -32.62 58.29 -1.03
CA ARG D 35 -31.17 58.09 -1.13
C ARG D 35 -30.43 58.81 -0.01
N ALA D 36 -30.82 60.05 0.31
CA ALA D 36 -30.12 60.79 1.35
C ALA D 36 -30.34 60.19 2.73
N SER D 37 -31.54 59.67 2.99
CA SER D 37 -31.81 59.11 4.31
C SER D 37 -30.98 57.85 4.55
N TYR D 38 -30.73 57.09 3.49
CA TYR D 38 -29.85 55.91 3.60
C TYR D 38 -28.42 56.35 3.92
N VAL D 39 -27.92 57.39 3.24
CA VAL D 39 -26.62 57.95 3.61
C VAL D 39 -26.61 58.32 5.08
N ALA D 40 -27.68 58.95 5.55
CA ALA D 40 -27.70 59.46 6.91
C ALA D 40 -27.73 58.34 7.93
N LEU D 41 -28.55 57.32 7.66
CA LEU D 41 -28.66 56.17 8.56
C LEU D 41 -27.30 55.51 8.79
N HIS D 42 -26.59 55.15 7.71
CA HIS D 42 -25.28 54.52 7.90
C HIS D 42 -24.26 55.49 8.45
N GLY D 43 -24.38 56.78 8.12
CA GLY D 43 -23.49 57.76 8.72
C GLY D 43 -23.62 57.80 10.23
N MET D 44 -24.85 57.69 10.75
CA MET D 44 -25.08 57.71 12.19
C MET D 44 -24.81 56.35 12.82
N ALA D 45 -25.16 55.28 12.13
CA ALA D 45 -25.26 53.97 12.75
C ALA D 45 -24.00 53.11 12.61
N ASP D 46 -23.18 53.32 11.57
CA ASP D 46 -22.00 52.47 11.41
C ASP D 46 -20.80 52.98 12.17
N ARG D 47 -19.88 52.07 12.46
CA ARG D 47 -18.60 52.48 13.04
C ARG D 47 -17.82 53.34 12.05
N PRO D 48 -16.91 54.18 12.58
CA PRO D 48 -16.12 55.05 11.70
C PRO D 48 -15.25 54.26 10.74
N ALA D 49 -14.95 54.90 9.61
CA ALA D 49 -14.02 54.33 8.64
C ALA D 49 -12.68 54.04 9.30
N ARG D 50 -12.07 52.91 8.93
CA ARG D 50 -10.68 52.67 9.25
C ARG D 50 -9.81 53.63 8.45
N GLU D 51 -8.68 54.00 9.04
CA GLU D 51 -7.65 54.70 8.29
C GLU D 51 -6.88 53.68 7.46
N LEU D 52 -6.76 53.96 6.18
CA LEU D 52 -6.11 53.06 5.24
C LEU D 52 -5.09 53.84 4.43
N ALA D 53 -4.00 53.16 4.07
CA ALA D 53 -2.99 53.74 3.19
C ALA D 53 -3.60 54.22 1.87
N VAL D 54 -4.57 53.47 1.33
CA VAL D 54 -5.14 53.75 0.01
C VAL D 54 -6.66 53.78 0.08
N ILE D 55 -7.22 54.94 -0.24
CA ILE D 55 -8.65 55.08 -0.54
C ILE D 55 -8.72 55.96 -1.79
N ARG D 56 -9.00 55.35 -2.93
CA ARG D 56 -8.74 55.98 -4.22
C ARG D 56 -9.88 55.75 -5.19
N ASN D 57 -10.37 56.83 -5.78
CA ASN D 57 -11.39 56.69 -6.80
C ASN D 57 -10.75 56.26 -8.11
N LEU D 58 -11.40 55.33 -8.80
CA LEU D 58 -10.99 54.82 -10.10
C LEU D 58 -12.24 54.75 -10.97
N SER D 59 -12.06 54.32 -12.21
CA SER D 59 -13.22 54.03 -13.05
C SER D 59 -12.76 53.02 -14.08
N CYS D 60 -13.72 52.35 -14.71
CA CYS D 60 -13.41 51.39 -15.74
C CYS D 60 -14.47 51.51 -16.83
N PRO D 61 -14.16 51.05 -18.03
CA PRO D 61 -15.17 51.07 -19.10
C PRO D 61 -16.33 50.15 -18.79
N GLY D 62 -17.53 50.58 -19.14
CA GLY D 62 -18.73 49.81 -18.95
C GLY D 62 -19.57 49.79 -20.21
N PRO D 63 -20.62 48.96 -20.21
CA PRO D 63 -21.46 48.86 -21.42
C PRO D 63 -22.29 50.11 -21.70
N ALA D 64 -22.46 50.98 -20.71
CA ALA D 64 -23.23 52.22 -20.89
C ALA D 64 -22.39 53.44 -20.52
N GLY D 65 -21.08 53.34 -20.60
CA GLY D 65 -20.20 54.39 -20.16
C GLY D 65 -19.32 53.93 -19.02
N ASP D 66 -18.52 54.87 -18.53
CA ASP D 66 -17.56 54.56 -17.48
C ASP D 66 -18.27 54.22 -16.18
N ILE D 67 -17.72 53.26 -15.45
CA ILE D 67 -18.27 52.85 -14.16
C ILE D 67 -17.36 53.41 -13.07
N PRO D 68 -17.87 54.25 -12.16
CA PRO D 68 -17.03 54.68 -11.03
C PRO D 68 -16.78 53.54 -10.06
N LEU D 69 -15.58 53.58 -9.46
CA LEU D 69 -15.08 52.56 -8.54
C LEU D 69 -14.36 53.26 -7.39
N ARG D 70 -14.25 52.56 -6.27
CA ARG D 70 -13.41 53.05 -5.17
C ARG D 70 -12.55 51.89 -4.69
N LEU D 71 -11.23 52.10 -4.69
CA LEU D 71 -10.25 51.14 -4.23
C LEU D 71 -9.89 51.44 -2.77
N TYR D 72 -9.91 50.39 -1.95
CA TYR D 72 -9.53 50.44 -0.56
C TYR D 72 -8.40 49.44 -0.36
N ASP D 73 -7.30 49.88 0.26
CA ASP D 73 -6.21 48.97 0.52
C ASP D 73 -5.41 49.47 1.72
N ALA D 74 -5.17 48.58 2.67
CA ALA D 74 -4.32 48.89 3.81
C ALA D 74 -2.87 49.08 3.41
N ARG D 75 -2.49 48.71 2.18
CA ARG D 75 -1.13 48.79 1.67
C ARG D 75 -1.09 49.62 0.39
N GLU D 76 -0.10 50.52 0.29
CA GLU D 76 0.13 51.21 -0.98
C GLU D 76 0.63 50.24 -2.03
N SER D 77 1.37 49.21 -1.61
CA SER D 77 2.05 48.28 -2.50
C SER D 77 1.94 46.86 -1.96
N ARG D 78 1.59 45.91 -2.81
CA ARG D 78 1.41 44.57 -2.32
C ARG D 78 1.69 43.55 -3.41
N GLU D 79 1.96 42.33 -2.98
CA GLU D 79 2.15 41.20 -3.89
C GLU D 79 0.82 40.82 -4.54
N ALA D 80 0.91 40.00 -5.57
CA ALA D 80 -0.27 39.49 -6.24
C ALA D 80 -1.09 38.67 -5.26
N GLY D 81 -2.40 38.74 -5.40
CA GLY D 81 -3.32 38.02 -4.56
C GLY D 81 -4.74 38.30 -4.97
N PRO D 82 -5.69 37.72 -4.24
CA PRO D 82 -7.10 37.92 -4.60
C PRO D 82 -7.50 39.37 -4.37
N VAL D 83 -8.46 39.83 -5.16
CA VAL D 83 -9.03 41.16 -4.97
C VAL D 83 -10.51 41.03 -4.70
N ILE D 84 -10.96 41.68 -3.64
CA ILE D 84 -12.37 41.71 -3.28
C ILE D 84 -13.10 42.72 -4.15
N THR D 85 -14.19 42.29 -4.75
CA THR D 85 -15.02 43.15 -5.60
C THR D 85 -16.38 43.27 -4.94
N PHE D 86 -16.69 44.49 -4.50
CA PHE D 86 -17.79 44.73 -3.59
C PHE D 86 -18.93 45.48 -4.28
N TYR D 87 -20.17 45.04 -4.00
CA TYR D 87 -21.38 45.62 -4.56
C TYR D 87 -22.33 45.99 -3.43
N HIS D 88 -22.63 47.27 -3.29
CA HIS D 88 -23.38 47.74 -2.15
C HIS D 88 -24.86 47.37 -2.22
N GLY D 89 -25.49 47.33 -1.06
CA GLY D 89 -26.92 47.15 -0.97
C GLY D 89 -27.71 48.44 -1.20
N GLY D 90 -29.05 48.31 -1.12
CA GLY D 90 -29.98 49.39 -1.35
C GLY D 90 -31.01 49.09 -2.43
N GLY D 91 -31.28 47.81 -2.66
CA GLY D 91 -32.41 47.46 -3.50
C GLY D 91 -32.23 47.71 -4.98
N PHE D 92 -31.01 48.04 -5.39
CA PHE D 92 -30.68 48.51 -6.74
C PHE D 92 -31.24 49.90 -7.02
N VAL D 93 -31.62 50.63 -5.98
CA VAL D 93 -32.27 51.94 -6.11
C VAL D 93 -31.54 52.99 -5.31
N ILE D 94 -31.14 52.63 -4.09
CA ILE D 94 -30.40 53.55 -3.23
C ILE D 94 -29.03 52.96 -2.93
N GLY D 95 -28.26 53.69 -2.13
CA GLY D 95 -26.88 53.35 -1.82
C GLY D 95 -25.92 53.85 -2.87
N ASP D 96 -24.65 53.97 -2.48
CA ASP D 96 -23.60 54.36 -3.40
C ASP D 96 -22.24 54.04 -2.76
N LEU D 97 -21.17 54.71 -3.22
CA LEU D 97 -19.86 54.40 -2.68
C LEU D 97 -19.69 54.91 -1.26
N ASP D 98 -20.46 55.91 -0.85
CA ASP D 98 -20.37 56.43 0.50
C ASP D 98 -21.24 55.69 1.50
N THR D 99 -22.40 55.16 1.09
CA THR D 99 -23.26 54.47 2.04
C THR D 99 -22.55 53.26 2.64
N HIS D 100 -21.64 52.63 1.88
CA HIS D 100 -20.98 51.41 2.34
C HIS D 100 -19.49 51.62 2.52
N HIS D 101 -19.08 52.88 2.54
CA HIS D 101 -17.67 53.23 2.60
C HIS D 101 -17.01 52.68 3.85
N ASN D 102 -17.59 52.93 5.02
CA ASN D 102 -16.95 52.51 6.24
C ASN D 102 -16.83 50.98 6.29
N LEU D 103 -17.88 50.28 5.87
CA LEU D 103 -17.83 48.82 5.78
C LEU D 103 -16.70 48.36 4.87
N CYS D 104 -16.52 49.01 3.72
CA CYS D 104 -15.42 48.63 2.83
C CYS D 104 -14.08 48.86 3.51
N THR D 105 -13.90 49.98 4.23
CA THR D 105 -12.63 50.14 4.92
C THR D 105 -12.43 49.06 5.97
N GLU D 106 -13.50 48.61 6.64
CA GLU D 106 -13.37 47.56 7.62
C GLU D 106 -12.98 46.22 6.98
N ILE D 107 -13.62 45.86 5.87
CA ILE D 107 -13.27 44.63 5.16
C ILE D 107 -11.81 44.67 4.71
N ALA D 108 -11.39 45.81 4.12
CA ALA D 108 -10.00 45.94 3.69
C ALA D 108 -9.03 45.82 4.85
N ALA D 109 -9.34 46.46 5.98
CA ALA D 109 -8.44 46.41 7.13
C ALA D 109 -8.34 45.00 7.71
N LEU D 110 -9.47 44.32 7.86
CA LEU D 110 -9.50 43.04 8.54
C LEU D 110 -9.01 41.91 7.64
N MET D 111 -9.19 42.03 6.33
CA MET D 111 -8.73 40.98 5.41
C MET D 111 -7.30 41.19 4.96
N ASP D 112 -6.76 42.41 5.05
CA ASP D 112 -5.47 42.72 4.43
C ASP D 112 -5.49 42.29 2.98
N LEU D 113 -6.59 42.61 2.30
CA LEU D 113 -6.73 42.46 0.87
C LEU D 113 -7.30 43.75 0.30
N PRO D 114 -7.04 44.04 -0.96
CA PRO D 114 -7.67 45.21 -1.58
C PRO D 114 -9.13 44.95 -1.85
N VAL D 115 -9.92 46.01 -1.71
CA VAL D 115 -11.35 45.99 -1.97
C VAL D 115 -11.65 47.02 -3.04
N VAL D 116 -12.38 46.61 -4.08
CA VAL D 116 -12.86 47.54 -5.10
C VAL D 116 -14.37 47.57 -5.05
N ALA D 117 -14.94 48.71 -4.64
CA ALA D 117 -16.37 48.91 -4.61
C ALA D 117 -16.86 49.50 -5.93
N VAL D 118 -18.05 49.05 -6.34
CA VAL D 118 -18.61 49.36 -7.65
C VAL D 118 -19.79 50.33 -7.48
N ASP D 119 -19.74 51.46 -8.18
CA ASP D 119 -20.84 52.44 -8.19
C ASP D 119 -21.69 52.13 -9.41
N TYR D 120 -22.51 51.07 -9.30
CA TYR D 120 -23.28 50.60 -10.44
C TYR D 120 -24.52 51.46 -10.65
N ARG D 121 -25.01 51.45 -11.89
CA ARG D 121 -26.22 52.16 -12.25
C ARG D 121 -27.42 51.70 -11.43
N LEU D 122 -28.25 52.66 -11.04
CA LEU D 122 -29.39 52.43 -10.18
C LEU D 122 -30.71 52.65 -10.90
N ALA D 123 -31.73 51.93 -10.45
CA ALA D 123 -33.12 52.12 -10.85
C ALA D 123 -33.77 53.19 -9.96
N PRO D 124 -34.92 53.73 -10.37
CA PRO D 124 -35.70 53.47 -11.59
C PRO D 124 -35.10 54.07 -12.85
N GLU D 125 -34.14 54.99 -12.69
CA GLU D 125 -33.49 55.59 -13.84
C GLU D 125 -32.90 54.52 -14.76
N HIS D 126 -32.30 53.49 -14.18
CA HIS D 126 -31.70 52.40 -14.96
C HIS D 126 -32.22 51.09 -14.36
N PRO D 127 -33.28 50.53 -14.91
CA PRO D 127 -33.85 49.29 -14.35
C PRO D 127 -33.01 48.08 -14.76
N PHE D 128 -33.43 46.94 -14.24
CA PHE D 128 -32.80 45.67 -14.57
C PHE D 128 -32.63 45.55 -16.08
N PRO D 129 -31.49 45.05 -16.57
CA PRO D 129 -30.35 44.46 -15.87
C PRO D 129 -29.14 45.41 -15.68
N ALA D 130 -29.40 46.71 -15.64
CA ALA D 130 -28.31 47.70 -15.65
C ALA D 130 -27.29 47.43 -14.55
N ALA D 131 -27.74 47.32 -13.30
CA ALA D 131 -26.83 47.12 -12.19
C ALA D 131 -25.94 45.90 -12.41
N ILE D 132 -26.53 44.82 -12.92
CA ILE D 132 -25.78 43.59 -13.11
C ILE D 132 -24.74 43.76 -14.19
N GLU D 133 -25.10 44.43 -15.29
CA GLU D 133 -24.14 44.70 -16.36
C GLU D 133 -22.91 45.43 -15.80
N ASP D 134 -23.13 46.39 -14.91
CA ASP D 134 -22.02 47.16 -14.39
C ASP D 134 -21.18 46.36 -13.40
N CYS D 135 -21.84 45.64 -12.49
CA CYS D 135 -21.10 44.82 -11.54
C CYS D 135 -20.29 43.77 -12.26
N GLU D 136 -20.85 43.15 -13.31
CA GLU D 136 -20.09 42.17 -14.06
C GLU D 136 -18.89 42.81 -14.76
N ALA D 137 -19.12 43.97 -15.41
CA ALA D 137 -18.03 44.57 -16.18
C ALA D 137 -16.91 45.02 -15.24
N ALA D 138 -17.29 45.57 -14.09
CA ALA D 138 -16.29 46.04 -13.15
C ALA D 138 -15.48 44.87 -12.60
N THR D 139 -16.14 43.73 -12.36
CA THR D 139 -15.42 42.59 -11.81
C THR D 139 -14.45 42.02 -12.84
N ARG D 140 -14.89 41.90 -14.10
CA ARG D 140 -13.98 41.46 -15.16
C ARG D 140 -12.78 42.39 -15.28
N TRP D 141 -13.03 43.70 -15.20
CA TRP D 141 -11.94 44.66 -15.29
C TRP D 141 -10.93 44.44 -14.17
N VAL D 142 -11.41 44.35 -12.92
CA VAL D 142 -10.51 44.06 -11.81
C VAL D 142 -9.74 42.77 -12.08
N ALA D 143 -10.45 41.75 -12.56
CA ALA D 143 -9.84 40.46 -12.77
C ALA D 143 -8.77 40.49 -13.84
N SER D 144 -8.72 41.55 -14.66
CA SER D 144 -7.70 41.63 -15.72
C SER D 144 -6.41 42.25 -15.24
N SER D 145 -6.34 42.62 -13.96
CA SER D 145 -5.16 43.28 -13.38
C SER D 145 -4.78 44.49 -14.22
N PRO D 146 -5.69 45.44 -14.40
CA PRO D 146 -5.34 46.64 -15.18
C PRO D 146 -4.33 47.51 -14.45
N SER D 147 -3.53 48.23 -15.25
CA SER D 147 -2.46 49.04 -14.66
C SER D 147 -2.99 50.01 -13.62
N GLU D 148 -4.16 50.58 -13.87
CA GLU D 148 -4.71 51.60 -12.97
C GLU D 148 -5.06 51.04 -11.60
N LEU D 149 -5.31 49.74 -11.51
CA LEU D 149 -5.63 49.15 -10.21
C LEU D 149 -4.44 49.21 -9.28
N GLY D 150 -3.24 49.14 -9.82
CA GLY D 150 -2.04 49.23 -9.02
C GLY D 150 -1.71 48.00 -8.22
N ARG D 151 -2.51 46.93 -8.39
CA ARG D 151 -2.37 45.64 -7.74
C ARG D 151 -2.62 44.56 -8.75
N THR D 152 -1.94 43.43 -8.61
CA THR D 152 -2.20 42.27 -9.46
C THR D 152 -3.18 41.32 -8.77
N ALA D 153 -4.22 40.91 -9.51
CA ALA D 153 -5.24 40.00 -9.01
C ALA D 153 -4.94 38.59 -9.49
N SER D 154 -4.86 37.65 -8.54
CA SER D 154 -4.73 36.22 -8.83
C SER D 154 -6.09 35.53 -8.86
N GLY D 155 -7.12 36.21 -8.40
CA GLY D 155 -8.48 35.73 -8.33
C GLY D 155 -9.31 36.91 -7.84
N VAL D 156 -10.63 36.78 -7.97
CA VAL D 156 -11.54 37.78 -7.44
C VAL D 156 -12.49 37.17 -6.42
N ILE D 157 -12.94 38.02 -5.50
CA ILE D 157 -13.84 37.65 -4.40
C ILE D 157 -15.06 38.58 -4.45
N PRO D 158 -16.11 38.19 -5.17
CA PRO D 158 -17.36 38.97 -5.15
C PRO D 158 -18.01 38.94 -3.78
N ILE D 159 -18.44 40.12 -3.33
CA ILE D 159 -19.03 40.26 -2.00
C ILE D 159 -20.02 41.43 -2.07
N GLY D 160 -21.10 41.31 -1.35
CA GLY D 160 -22.09 42.37 -1.33
C GLY D 160 -23.24 42.06 -0.41
N ASP D 161 -23.91 43.11 0.04
CA ASP D 161 -25.05 43.02 0.97
C ASP D 161 -26.38 43.27 0.24
N SER D 162 -27.43 42.51 0.55
CA SER D 162 -28.80 42.73 0.07
C SER D 162 -28.81 42.70 -1.48
N ALA D 163 -29.21 43.71 -2.23
CA ALA D 163 -29.08 43.68 -3.69
C ALA D 163 -27.63 43.37 -4.06
N GLY D 164 -26.65 43.80 -3.28
CA GLY D 164 -25.28 43.48 -3.61
C GLY D 164 -24.96 42.00 -3.44
N GLY D 165 -25.71 41.32 -2.56
CA GLY D 165 -25.57 39.87 -2.42
C GLY D 165 -26.20 39.13 -3.60
N ASN D 166 -27.32 39.65 -4.09
CA ASN D 166 -27.85 39.23 -5.38
C ASN D 166 -26.82 39.41 -6.47
N ALA D 167 -26.20 40.59 -6.55
CA ALA D 167 -25.22 40.84 -7.58
C ALA D 167 -24.03 39.90 -7.46
N THR D 168 -23.61 39.63 -6.23
CA THR D 168 -22.50 38.72 -5.96
C THR D 168 -22.75 37.38 -6.64
N ILE D 169 -23.94 36.81 -6.39
CA ILE D 169 -24.22 35.49 -6.95
C ILE D 169 -24.33 35.55 -8.46
N VAL D 170 -25.02 36.58 -8.99
CA VAL D 170 -25.16 36.71 -10.44
C VAL D 170 -23.80 36.84 -11.09
N VAL D 171 -22.92 37.68 -10.52
CA VAL D 171 -21.59 37.84 -11.09
C VAL D 171 -20.82 36.52 -11.08
N SER D 172 -20.90 35.77 -9.97
CA SER D 172 -20.20 34.48 -9.92
C SER D 172 -20.72 33.54 -11.00
N GLN D 173 -22.03 33.59 -11.25
CA GLN D 173 -22.60 32.71 -12.26
C GLN D 173 -22.21 33.14 -13.67
N LEU D 174 -22.13 34.46 -13.90
CA LEU D 174 -21.75 34.94 -15.23
C LEU D 174 -20.28 34.66 -15.51
N LEU D 175 -19.41 34.85 -14.51
CA LEU D 175 -18.00 34.52 -14.70
C LEU D 175 -17.78 33.01 -14.72
N GLY D 176 -18.64 32.24 -14.04
CA GLY D 176 -18.56 30.79 -14.15
C GLY D 176 -18.80 30.31 -15.56
N ALA D 177 -19.79 30.91 -16.24
CA ALA D 177 -20.15 30.52 -17.61
C ALA D 177 -19.16 31.04 -18.62
N LYS D 178 -18.60 32.23 -18.39
CA LYS D 178 -17.67 32.88 -19.30
C LYS D 178 -16.55 33.47 -18.45
N PRO D 179 -15.48 32.72 -18.22
CA PRO D 179 -14.48 33.12 -17.23
C PRO D 179 -13.84 34.46 -17.54
N ALA D 180 -13.55 35.18 -16.48
CA ALA D 180 -12.68 36.35 -16.55
C ALA D 180 -11.24 35.86 -16.60
N ASP D 181 -10.29 36.80 -16.55
CA ASP D 181 -8.88 36.44 -16.67
C ASP D 181 -8.38 35.64 -15.48
N VAL D 182 -9.01 35.77 -14.32
CA VAL D 182 -8.73 34.95 -13.14
C VAL D 182 -10.06 34.45 -12.60
N PRO D 183 -10.03 33.38 -11.83
CA PRO D 183 -11.29 32.80 -11.32
C PRO D 183 -11.86 33.58 -10.14
N VAL D 184 -13.16 33.36 -9.96
CA VAL D 184 -13.83 33.66 -8.68
C VAL D 184 -13.36 32.60 -7.69
N VAL D 185 -12.58 33.01 -6.69
CA VAL D 185 -12.03 32.04 -5.75
C VAL D 185 -12.89 31.87 -4.52
N LEU D 186 -13.88 32.75 -4.33
CA LEU D 186 -14.74 32.77 -3.15
C LEU D 186 -15.79 33.83 -3.43
N GLN D 187 -17.05 33.56 -3.05
CA GLN D 187 -18.10 34.58 -3.11
C GLN D 187 -18.75 34.69 -1.73
N VAL D 188 -19.11 35.92 -1.37
CA VAL D 188 -19.69 36.19 -0.05
C VAL D 188 -20.99 36.97 -0.19
N PRO D 189 -22.09 36.31 -0.55
CA PRO D 189 -23.39 36.99 -0.52
C PRO D 189 -23.89 37.17 0.90
N ILE D 190 -24.11 38.42 1.28
CA ILE D 190 -24.55 38.82 2.64
C ILE D 190 -26.02 39.25 2.57
N PHE D 191 -26.89 38.64 3.39
CA PHE D 191 -28.37 38.71 3.35
C PHE D 191 -28.84 38.95 1.93
N PRO D 192 -28.54 38.05 0.99
CA PRO D 192 -28.87 38.29 -0.37
C PRO D 192 -30.31 37.98 -0.75
N LEU D 193 -30.72 38.58 -1.83
CA LEU D 193 -31.97 38.23 -2.49
C LEU D 193 -31.61 37.29 -3.63
N ALA D 194 -31.80 35.99 -3.41
CA ALA D 194 -31.46 34.96 -4.39
C ALA D 194 -32.70 34.37 -5.04
N SER D 195 -33.70 34.02 -4.24
CA SER D 195 -35.02 33.58 -4.70
C SER D 195 -36.04 34.68 -4.42
N ASP D 196 -37.15 34.65 -5.16
CA ASP D 196 -38.25 35.57 -4.92
C ASP D 196 -38.74 35.42 -3.48
N ALA D 197 -38.73 36.52 -2.72
CA ALA D 197 -39.16 36.48 -1.32
C ALA D 197 -40.67 36.37 -1.18
N VAL D 198 -41.43 36.65 -2.24
CA VAL D 198 -42.88 36.60 -2.16
C VAL D 198 -43.32 35.19 -1.85
N GLY D 199 -44.17 35.04 -0.84
CA GLY D 199 -44.62 33.74 -0.42
C GLY D 199 -43.80 33.09 0.67
N SER D 200 -42.69 33.71 1.07
CA SER D 200 -41.82 33.12 2.06
C SER D 200 -42.32 33.41 3.47
N ALA D 201 -42.08 32.45 4.37
CA ALA D 201 -42.45 32.62 5.77
C ALA D 201 -41.74 33.81 6.39
N SER D 202 -40.49 34.06 6.00
CA SER D 202 -39.75 35.16 6.62
C SER D 202 -40.33 36.51 6.20
N LEU D 203 -40.79 36.63 4.97
CA LEU D 203 -41.33 37.91 4.51
C LEU D 203 -42.55 38.30 5.34
N GLU D 204 -43.46 37.35 5.57
CA GLU D 204 -44.65 37.64 6.36
C GLU D 204 -44.30 37.86 7.82
N ALA D 205 -43.42 37.03 8.38
CA ALA D 205 -43.07 37.15 9.80
C ALA D 205 -42.42 38.50 10.11
N PHE D 206 -41.59 39.01 9.20
CA PHE D 206 -40.77 40.18 9.50
C PHE D 206 -41.11 41.35 8.57
N ALA D 207 -42.38 41.42 8.16
CA ALA D 207 -42.81 42.37 7.16
C ALA D 207 -42.73 43.80 7.65
N GLU D 208 -42.77 44.01 8.96
CA GLU D 208 -42.73 45.35 9.51
C GLU D 208 -41.91 45.35 10.80
N GLY D 209 -41.20 46.44 11.02
CA GLY D 209 -40.53 46.67 12.28
C GLY D 209 -39.11 46.17 12.39
N PHE D 210 -38.53 45.65 11.30
CA PHE D 210 -37.20 45.03 11.36
C PHE D 210 -36.25 45.67 10.34
N VAL D 211 -36.31 47.01 10.28
CA VAL D 211 -35.49 47.86 9.42
C VAL D 211 -35.88 47.69 7.96
N LEU D 212 -35.56 46.55 7.35
CA LEU D 212 -36.06 46.26 6.02
C LEU D 212 -37.50 45.79 6.13
N THR D 213 -38.37 46.36 5.28
CA THR D 213 -39.80 46.12 5.39
C THR D 213 -40.31 45.55 4.08
N LYS D 214 -41.47 44.88 4.17
CA LYS D 214 -42.14 44.43 2.96
C LYS D 214 -42.43 45.60 2.03
N ALA D 215 -42.85 46.74 2.59
CA ALA D 215 -43.14 47.90 1.74
C ALA D 215 -41.92 48.32 0.94
N SER D 216 -40.75 48.40 1.59
CA SER D 216 -39.53 48.77 0.86
C SER D 216 -39.18 47.73 -0.19
N ILE D 217 -39.32 46.44 0.15
CA ILE D 217 -39.02 45.40 -0.84
C ILE D 217 -39.86 45.60 -2.08
N GLU D 218 -41.15 45.93 -1.90
CA GLU D 218 -42.03 46.14 -3.04
C GLU D 218 -41.66 47.40 -3.80
N PHE D 219 -41.31 48.46 -3.07
CA PHE D 219 -40.82 49.69 -3.71
C PHE D 219 -39.64 49.39 -4.62
N PHE D 220 -38.62 48.71 -4.09
CA PHE D 220 -37.44 48.37 -4.88
C PHE D 220 -37.82 47.53 -6.10
N ASP D 221 -38.67 46.54 -5.92
CA ASP D 221 -39.02 45.66 -7.02
C ASP D 221 -39.69 46.44 -8.14
N THR D 222 -40.62 47.34 -7.80
CA THR D 222 -41.30 48.13 -8.82
C THR D 222 -40.32 49.02 -9.58
N ALA D 223 -39.31 49.55 -8.88
CA ALA D 223 -38.32 50.39 -9.55
C ALA D 223 -37.38 49.58 -10.44
N TYR D 224 -36.92 48.43 -9.94
CA TYR D 224 -35.88 47.66 -10.64
C TYR D 224 -36.46 46.83 -11.77
N LYS D 225 -37.68 46.30 -11.58
CA LYS D 225 -38.39 45.59 -12.65
C LYS D 225 -37.56 44.41 -13.18
N ALA D 226 -37.10 43.58 -12.25
CA ALA D 226 -36.34 42.40 -12.61
C ALA D 226 -37.29 41.33 -13.15
N ASP D 227 -36.83 40.62 -14.18
CA ASP D 227 -37.58 39.54 -14.79
C ASP D 227 -37.60 38.32 -13.87
N ARG D 228 -38.81 37.94 -13.43
CA ARG D 228 -39.00 36.84 -12.49
C ARG D 228 -38.41 35.53 -12.98
N ALA D 229 -38.25 35.36 -14.29
CA ALA D 229 -37.75 34.13 -14.86
C ALA D 229 -36.29 34.21 -15.29
N ASP D 230 -35.62 35.35 -15.07
CA ASP D 230 -34.24 35.53 -15.51
C ASP D 230 -33.30 35.22 -14.35
N PRO D 231 -32.33 34.30 -14.50
CA PRO D 231 -31.40 34.04 -13.38
C PRO D 231 -30.60 35.26 -12.98
N ARG D 232 -30.45 36.26 -13.87
CA ARG D 232 -29.77 37.49 -13.50
C ARG D 232 -30.61 38.35 -12.57
N GLY D 233 -31.92 38.10 -12.52
CA GLY D 233 -32.75 38.74 -11.53
C GLY D 233 -32.86 37.92 -10.26
N PHE D 234 -32.97 36.61 -10.43
CA PHE D 234 -33.20 35.70 -9.30
C PHE D 234 -32.27 34.51 -9.47
N PRO D 235 -31.05 34.60 -8.94
CA PRO D 235 -30.02 33.62 -9.31
C PRO D 235 -30.21 32.23 -8.69
N ILE D 236 -31.21 32.04 -7.83
CA ILE D 236 -31.61 30.69 -7.42
C ILE D 236 -31.91 29.86 -8.65
N LEU D 237 -32.28 30.52 -9.75
CA LEU D 237 -32.61 29.87 -11.00
C LEU D 237 -31.40 29.46 -11.82
N GLY D 238 -30.20 29.90 -11.45
CA GLY D 238 -29.05 29.62 -12.27
C GLY D 238 -28.49 28.23 -12.02
N ASP D 239 -27.39 27.95 -12.70
CA ASP D 239 -26.71 26.65 -12.63
C ASP D 239 -25.73 26.66 -11.46
N HIS D 240 -26.01 25.86 -10.43
CA HIS D 240 -25.19 25.82 -9.22
C HIS D 240 -24.09 24.77 -9.27
N THR D 241 -24.02 23.96 -10.33
CA THR D 241 -23.15 22.78 -10.29
C THR D 241 -21.68 23.13 -10.27
N ALA D 242 -21.30 24.35 -10.63
CA ALA D 242 -19.91 24.76 -10.56
C ALA D 242 -19.76 26.03 -9.72
N ALA D 243 -20.69 26.27 -8.78
CA ALA D 243 -20.59 27.45 -7.94
C ALA D 243 -19.23 27.47 -7.26
N PRO D 244 -18.61 28.64 -7.10
CA PRO D 244 -17.35 28.73 -6.37
C PRO D 244 -17.57 28.55 -4.88
N PRO D 245 -16.51 28.39 -4.10
CA PRO D 245 -16.67 28.35 -2.64
C PRO D 245 -17.46 29.56 -2.20
N THR D 246 -18.40 29.33 -1.28
CA THR D 246 -19.39 30.34 -0.94
C THR D 246 -19.53 30.49 0.57
N ILE D 247 -19.66 31.73 1.03
CA ILE D 247 -20.12 32.01 2.38
C ILE D 247 -21.45 32.76 2.23
N VAL D 248 -22.52 32.17 2.75
CA VAL D 248 -23.82 32.81 2.77
C VAL D 248 -24.06 33.28 4.19
N ALA D 249 -24.25 34.59 4.38
CA ALA D 249 -24.57 35.12 5.69
C ALA D 249 -25.98 35.69 5.64
N THR D 250 -26.79 35.34 6.62
CA THR D 250 -28.13 35.91 6.72
C THR D 250 -28.34 36.44 8.12
N ALA D 251 -29.49 37.06 8.33
CA ALA D 251 -29.92 37.52 9.63
C ALA D 251 -31.24 36.85 10.00
N SER D 252 -31.37 36.48 11.27
CA SER D 252 -32.51 35.67 11.70
C SER D 252 -33.82 36.44 11.66
N LEU D 253 -33.78 37.77 11.72
CA LEU D 253 -34.98 38.59 11.73
C LEU D 253 -35.24 39.27 10.39
N ASP D 254 -34.78 38.69 9.32
CA ASP D 254 -34.77 39.37 8.03
C ASP D 254 -35.92 38.88 7.18
N PRO D 255 -36.77 39.76 6.67
CA PRO D 255 -37.84 39.29 5.76
C PRO D 255 -37.34 38.46 4.60
N ILE D 256 -36.14 38.70 4.07
CA ILE D 256 -35.63 37.89 2.99
C ILE D 256 -34.64 36.83 3.48
N ARG D 257 -34.68 36.50 4.77
CA ARG D 257 -33.82 35.46 5.33
C ARG D 257 -33.98 34.15 4.57
N ASP D 258 -35.23 33.76 4.31
CA ASP D 258 -35.45 32.45 3.69
C ASP D 258 -34.88 32.40 2.28
N SER D 259 -34.70 33.56 1.64
CA SER D 259 -34.07 33.60 0.33
C SER D 259 -32.63 33.12 0.42
N GLY D 260 -31.91 33.56 1.45
CA GLY D 260 -30.53 33.10 1.64
C GLY D 260 -30.47 31.64 2.07
N ARG D 261 -31.39 31.21 2.93
CA ARG D 261 -31.49 29.79 3.28
C ARG D 261 -31.68 28.96 2.02
N ASP D 262 -32.58 29.39 1.12
CA ASP D 262 -32.82 28.66 -0.12
C ASP D 262 -31.55 28.54 -0.95
N TYR D 263 -30.77 29.62 -1.03
CA TYR D 263 -29.57 29.57 -1.86
C TYR D 263 -28.55 28.61 -1.27
N ALA D 264 -28.29 28.71 0.04
CA ALA D 264 -27.33 27.81 0.66
C ALA D 264 -27.75 26.35 0.51
N LYS D 265 -29.05 26.07 0.67
CA LYS D 265 -29.56 24.70 0.46
C LYS D 265 -29.33 24.24 -0.97
N ALA D 266 -29.55 25.14 -1.95
CA ALA D 266 -29.31 24.80 -3.34
C ALA D 266 -27.84 24.48 -3.60
N LEU D 267 -26.92 25.18 -2.92
CA LEU D 267 -25.51 24.85 -3.10
C LEU D 267 -25.19 23.46 -2.52
N VAL D 268 -25.70 23.16 -1.33
CA VAL D 268 -25.50 21.81 -0.75
C VAL D 268 -26.10 20.76 -1.66
N GLU D 269 -27.30 21.02 -2.18
CA GLU D 269 -27.95 20.07 -3.08
C GLU D 269 -27.09 19.78 -4.30
N ALA D 270 -26.33 20.77 -4.76
CA ALA D 270 -25.46 20.63 -5.92
C ALA D 270 -24.05 20.16 -5.56
N GLY D 271 -23.79 19.87 -4.29
CA GLY D 271 -22.51 19.35 -3.87
C GLY D 271 -21.43 20.39 -3.73
N ARG D 272 -21.79 21.65 -3.55
CA ARG D 272 -20.82 22.74 -3.52
C ARG D 272 -20.45 23.08 -2.08
N ASP D 273 -19.21 23.54 -1.89
CA ASP D 273 -18.75 23.90 -0.56
C ASP D 273 -19.39 25.23 -0.15
N VAL D 274 -19.96 25.27 1.04
CA VAL D 274 -20.64 26.48 1.49
C VAL D 274 -20.59 26.58 3.00
N VAL D 275 -20.37 27.80 3.47
CA VAL D 275 -20.50 28.16 4.87
C VAL D 275 -21.81 28.94 4.99
N TYR D 276 -22.70 28.46 5.84
CA TYR D 276 -23.99 29.12 6.09
C TYR D 276 -23.95 29.67 7.51
N LEU D 277 -24.05 30.99 7.64
CA LEU D 277 -24.03 31.68 8.91
C LEU D 277 -25.32 32.50 9.01
N GLU D 278 -26.11 32.23 10.03
CA GLU D 278 -27.35 32.97 10.26
C GLU D 278 -27.18 33.69 11.59
N MET D 279 -27.05 35.01 11.50
CA MET D 279 -26.77 35.81 12.69
C MET D 279 -28.05 35.92 13.52
N GLU D 280 -27.98 35.50 14.78
CA GLU D 280 -29.17 35.32 15.60
C GLU D 280 -29.48 36.62 16.34
N GLY D 281 -30.72 37.08 16.17
CA GLY D 281 -31.21 38.22 16.94
C GLY D 281 -30.90 39.57 16.34
N VAL D 282 -30.54 39.61 15.07
CA VAL D 282 -30.26 40.85 14.37
C VAL D 282 -31.02 40.86 13.05
N THR D 283 -31.09 42.04 12.47
CA THR D 283 -31.87 42.31 11.28
C THR D 283 -31.00 42.38 10.04
N HIS D 284 -31.68 42.37 8.91
CA HIS D 284 -31.14 42.88 7.67
C HIS D 284 -30.33 44.14 7.90
N GLY D 285 -29.23 44.27 7.17
CA GLY D 285 -28.41 45.45 7.23
C GLY D 285 -27.43 45.50 8.36
N PHE D 286 -27.19 44.38 9.04
CA PHE D 286 -26.36 44.45 10.25
C PHE D 286 -24.91 44.83 9.97
N THR D 287 -24.45 44.68 8.74
CA THR D 287 -23.07 45.01 8.44
C THR D 287 -22.78 46.50 8.54
N ASN D 288 -23.82 47.35 8.56
CA ASN D 288 -23.64 48.79 8.45
C ASN D 288 -24.23 49.54 9.64
N ILE D 289 -24.47 48.85 10.75
CA ILE D 289 -25.00 49.47 11.97
C ILE D 289 -24.13 49.09 13.15
N ARG D 290 -22.82 48.99 12.92
CA ARG D 290 -21.93 48.38 13.89
C ARG D 290 -21.60 49.27 15.08
N ALA D 291 -21.97 50.55 15.03
CA ALA D 291 -21.89 51.43 16.20
C ALA D 291 -23.21 51.51 16.96
N ALA D 292 -24.33 51.66 16.26
CA ALA D 292 -25.64 51.71 16.90
C ALA D 292 -25.97 50.39 17.58
N VAL D 293 -25.56 49.28 16.99
CA VAL D 293 -25.80 47.94 17.52
C VAL D 293 -24.43 47.29 17.59
N PRO D 294 -23.70 47.50 18.68
CA PRO D 294 -22.26 47.16 18.68
C PRO D 294 -21.98 45.68 18.46
N SER D 295 -22.90 44.80 18.86
CA SER D 295 -22.66 43.37 18.70
C SER D 295 -22.57 42.96 17.23
N THR D 296 -23.05 43.81 16.31
CA THR D 296 -22.97 43.47 14.89
C THR D 296 -21.54 43.54 14.37
N GLN D 297 -20.63 44.22 15.08
CA GLN D 297 -19.21 44.14 14.69
C GLN D 297 -18.74 42.68 14.76
N GLY D 298 -19.14 41.99 15.81
CA GLY D 298 -18.77 40.59 15.98
C GLY D 298 -19.34 39.69 14.90
N ASP D 299 -20.56 39.98 14.44
CA ASP D 299 -21.12 39.26 13.31
C ASP D 299 -20.26 39.46 12.06
N LEU D 300 -19.88 40.70 11.76
CA LEU D 300 -19.02 40.92 10.62
C LEU D 300 -17.71 40.15 10.79
N GLU D 301 -17.16 40.17 12.00
CA GLU D 301 -15.88 39.50 12.23
C GLU D 301 -16.01 37.99 12.04
N ARG D 302 -17.19 37.43 12.27
CA ARG D 302 -17.38 35.99 11.98
C ARG D 302 -17.34 35.71 10.49
N ILE D 303 -17.94 36.58 9.67
CA ILE D 303 -17.84 36.45 8.22
C ILE D 303 -16.37 36.55 7.77
N ILE D 304 -15.65 37.54 8.32
CA ILE D 304 -14.23 37.70 8.00
C ILE D 304 -13.46 36.43 8.33
N ALA D 305 -13.72 35.85 9.50
CA ALA D 305 -13.01 34.62 9.88
C ALA D 305 -13.34 33.49 8.92
N ALA D 306 -14.61 33.38 8.50
CA ALA D 306 -14.96 32.36 7.51
C ALA D 306 -14.26 32.62 6.18
N MET D 307 -14.17 33.89 5.77
CA MET D 307 -13.52 34.21 4.51
C MET D 307 -12.05 33.77 4.52
N LYS D 308 -11.35 34.08 5.60
CA LYS D 308 -9.93 33.68 5.71
C LYS D 308 -9.78 32.18 5.62
N MET D 309 -10.65 31.44 6.29
CA MET D 309 -10.59 29.97 6.32
C MET D 309 -10.89 29.43 4.93
N MET D 310 -11.84 30.03 4.22
CA MET D 310 -12.24 29.53 2.90
C MET D 310 -11.19 29.90 1.85
N LEU D 311 -10.34 30.88 2.10
CA LEU D 311 -9.28 31.26 1.15
C LEU D 311 -8.00 30.46 1.42
N GLY D 312 -7.90 29.77 2.53
CA GLY D 312 -6.68 29.00 2.82
C GLY D 312 -5.68 29.85 3.59
N THR D 313 -6.14 30.96 4.15
CA THR D 313 -5.31 31.84 5.04
C THR D 313 -5.74 31.52 6.49
N ALA D 314 -5.66 32.42 7.48
CA ALA D 314 -6.11 32.09 8.85
C ALA D 314 -7.63 31.84 8.82
#